data_5Z38
#
_entry.id   5Z38
#
_cell.length_a   252.750
_cell.length_b   52.546
_cell.length_c   93.356
_cell.angle_alpha   90.00
_cell.angle_beta   96.73
_cell.angle_gamma   90.00
#
_symmetry.space_group_name_H-M   'C 1 2 1'
#
loop_
_entity.id
_entity.type
_entity.pdbx_description
1 polymer 'CesT protein'
2 polymer Truncated-CsrA
3 polymer 'wild type CsrA'
4 water water
#
loop_
_entity_poly.entity_id
_entity_poly.type
_entity_poly.pdbx_seq_one_letter_code
_entity_poly.pdbx_strand_id
1 'polypeptide(L)'
;GPMSSRSELLLDRFAEKIGVGSISFNENRLCSFAIDEIYYISLSDANDEYMMIYGVCGKFPTDNPNFALEILNANLWFAE
NGGPYLCYESGAQSLLLALRFPLDDATPEKLENEIEVVVKSMENLYLVLHNQGITLENEHMKIEEISSSDNKHYYAGR
;
A,B,C,D
2 'polypeptide(L)' GPLGSMLILTRRVGETLMIGDEVTVTVLGVKGNQVRIGVNAPKEVSVHR E,G,I,K
3 'polypeptide(L)' GGGGSGGGGSMLILTRRVGETLMIGDEVTVTVLGVKGNQVRIGVNAPKEVSVHREEIYQRIQAEKSQQSSY F,H,J,L
#
# COMPACT_ATOMS: atom_id res chain seq x y z
N MET A 3 5.34 -21.07 33.23
CA MET A 3 6.51 -21.32 32.42
C MET A 3 6.36 -20.80 31.00
N SER A 4 6.99 -21.51 30.07
CA SER A 4 6.90 -21.19 28.65
C SER A 4 5.72 -21.90 28.02
N SER A 5 5.28 -21.38 26.87
CA SER A 5 4.36 -22.13 26.06
C SER A 5 5.07 -23.38 25.52
N ARG A 6 4.28 -24.40 25.19
CA ARG A 6 4.89 -25.64 24.73
C ARG A 6 5.59 -25.48 23.38
N SER A 7 5.42 -24.34 22.71
CA SER A 7 6.23 -24.01 21.55
C SER A 7 7.56 -23.38 21.94
N GLU A 8 7.56 -22.52 22.97
CA GLU A 8 8.80 -21.95 23.47
C GLU A 8 9.68 -23.01 24.11
N LEU A 9 9.06 -23.95 24.85
CA LEU A 9 9.82 -25.04 25.44
C LEU A 9 10.38 -25.95 24.37
N LEU A 10 9.59 -26.22 23.32
CA LEU A 10 10.08 -27.00 22.19
C LEU A 10 11.22 -26.30 21.47
N LEU A 11 11.15 -24.97 21.37
CA LEU A 11 12.19 -24.21 20.66
C LEU A 11 13.51 -24.24 21.41
N ASP A 12 13.47 -24.05 22.73
CA ASP A 12 14.69 -24.16 23.53
C ASP A 12 15.27 -25.56 23.44
N ARG A 13 14.41 -26.58 23.45
CA ARG A 13 14.90 -27.96 23.36
C ARG A 13 15.46 -28.25 21.98
N PHE A 14 14.87 -27.66 20.93
CA PHE A 14 15.40 -27.83 19.58
C PHE A 14 16.71 -27.07 19.40
N ALA A 15 16.83 -25.91 20.05
CA ALA A 15 18.07 -25.13 19.94
C ALA A 15 19.25 -25.88 20.54
N GLU A 16 19.06 -26.46 21.72
CA GLU A 16 20.11 -27.24 22.36
C GLU A 16 20.44 -28.49 21.54
N LYS A 17 19.46 -29.04 20.81
CA LYS A 17 19.70 -30.25 20.04
C LYS A 17 20.46 -29.97 18.75
N ILE A 18 20.32 -28.75 18.22
CA ILE A 18 20.94 -28.38 16.94
C ILE A 18 22.27 -27.68 17.14
N GLY A 19 22.34 -26.75 18.10
CA GLY A 19 23.62 -26.15 18.41
C GLY A 19 23.66 -24.65 18.26
N VAL A 20 22.50 -24.02 18.23
CA VAL A 20 22.38 -22.57 18.23
C VAL A 20 22.18 -22.12 19.67
N GLY A 21 22.90 -21.06 20.06
CA GLY A 21 22.95 -20.58 21.43
C GLY A 21 21.62 -20.40 22.12
N SER A 22 20.93 -19.30 21.81
CA SER A 22 19.67 -18.98 22.49
C SER A 22 18.75 -18.33 21.47
N ILE A 23 17.71 -19.04 21.07
CA ILE A 23 16.74 -18.54 20.11
C ILE A 23 15.44 -18.30 20.85
N SER A 24 14.84 -17.12 20.63
CA SER A 24 13.64 -16.73 21.34
C SER A 24 12.72 -15.97 20.39
N PHE A 25 11.41 -16.15 20.60
CA PHE A 25 10.44 -15.38 19.85
C PHE A 25 10.46 -13.92 20.31
N ASN A 26 10.04 -13.03 19.40
CA ASN A 26 10.10 -11.60 19.65
C ASN A 26 8.68 -11.05 19.85
N GLU A 27 8.55 -9.73 19.71
CA GLU A 27 7.27 -9.06 19.93
C GLU A 27 6.18 -9.66 19.03
N ASN A 28 6.50 -9.84 17.76
CA ASN A 28 5.57 -10.38 16.77
C ASN A 28 5.53 -11.91 16.77
N ARG A 29 6.00 -12.54 17.85
CA ARG A 29 6.02 -14.00 17.97
C ARG A 29 6.75 -14.65 16.80
N LEU A 30 7.94 -14.12 16.51
CA LEU A 30 8.78 -14.61 15.43
C LEU A 30 10.21 -14.73 15.92
N CYS A 31 10.92 -15.74 15.43
CA CYS A 31 12.34 -15.91 15.65
C CYS A 31 12.98 -16.35 14.34
N SER A 32 14.28 -16.13 14.23
CA SER A 32 15.01 -16.46 13.01
C SER A 32 16.38 -17.01 13.37
N PHE A 33 16.84 -17.98 12.58
CA PHE A 33 18.10 -18.64 12.84
C PHE A 33 18.58 -19.29 11.54
N ALA A 34 19.81 -19.80 11.57
CA ALA A 34 20.49 -20.30 10.39
C ALA A 34 20.71 -21.79 10.50
N ILE A 35 20.34 -22.53 9.46
CA ILE A 35 20.57 -23.96 9.40
C ILE A 35 21.89 -24.20 8.70
N ASP A 36 22.85 -24.77 9.43
CA ASP A 36 24.20 -24.99 8.91
C ASP A 36 24.81 -23.68 8.39
N GLU A 37 24.40 -22.55 8.97
CA GLU A 37 24.90 -21.22 8.60
C GLU A 37 24.70 -20.91 7.11
N ILE A 38 23.66 -21.48 6.50
CA ILE A 38 23.43 -21.30 5.06
C ILE A 38 21.98 -20.91 4.81
N TYR A 39 21.06 -21.54 5.52
CA TYR A 39 19.63 -21.42 5.24
C TYR A 39 18.95 -20.63 6.35
N TYR A 40 18.30 -19.53 5.97
CA TYR A 40 17.59 -18.67 6.90
C TYR A 40 16.19 -19.26 7.14
N ILE A 41 15.93 -19.67 8.37
CA ILE A 41 14.65 -20.24 8.76
C ILE A 41 14.06 -19.32 9.82
N SER A 42 12.79 -18.98 9.65
CA SER A 42 12.04 -18.21 10.64
C SER A 42 10.90 -19.06 11.18
N LEU A 43 10.62 -18.91 12.47
CA LEU A 43 9.55 -19.65 13.13
C LEU A 43 8.54 -18.67 13.70
N SER A 44 7.26 -18.97 13.50
CA SER A 44 6.17 -18.15 14.00
C SER A 44 5.42 -18.89 15.09
N ASP A 45 5.26 -18.24 16.24
CA ASP A 45 4.42 -18.77 17.32
C ASP A 45 3.04 -18.13 17.28
N ALA A 46 2.37 -18.33 16.15
CA ALA A 46 1.09 -17.65 15.91
C ALA A 46 -0.02 -18.25 16.76
N ASN A 47 -0.27 -19.55 16.62
CA ASN A 47 -1.33 -20.24 17.32
C ASN A 47 -0.73 -21.23 18.31
N ASP A 48 -1.55 -21.64 19.29
CA ASP A 48 -1.14 -22.65 20.24
C ASP A 48 -1.36 -24.08 19.73
N GLU A 49 -1.94 -24.24 18.53
CA GLU A 49 -2.08 -25.57 17.95
C GLU A 49 -1.07 -25.85 16.84
N TYR A 50 -0.52 -24.82 16.21
CA TYR A 50 0.44 -25.01 15.13
C TYR A 50 1.55 -23.99 15.22
N MET A 51 2.67 -24.33 14.59
CA MET A 51 3.80 -23.43 14.40
C MET A 51 4.07 -23.30 12.91
N MET A 52 4.58 -22.14 12.50
CA MET A 52 4.86 -21.85 11.10
C MET A 52 6.36 -21.84 10.86
N ILE A 53 6.80 -22.57 9.84
CA ILE A 53 8.19 -22.62 9.43
C ILE A 53 8.31 -21.87 8.11
N TYR A 54 9.16 -20.84 8.07
CA TYR A 54 9.35 -20.02 6.88
C TYR A 54 10.80 -20.14 6.42
N GLY A 55 10.99 -20.64 5.20
CA GLY A 55 12.30 -20.65 4.58
C GLY A 55 12.48 -19.47 3.64
N VAL A 56 13.14 -18.42 4.12
CA VAL A 56 13.33 -17.20 3.34
C VAL A 56 14.30 -17.51 2.21
N CYS A 57 13.81 -17.47 0.97
CA CYS A 57 14.61 -17.81 -0.19
C CYS A 57 15.42 -16.61 -0.70
N GLY A 58 14.78 -15.45 -0.78
CA GLY A 58 15.46 -14.26 -1.26
C GLY A 58 14.47 -13.17 -1.58
N LYS A 59 15.03 -12.01 -1.93
CA LYS A 59 14.20 -10.87 -2.33
C LYS A 59 13.48 -11.18 -3.64
N PHE A 60 12.18 -10.90 -3.68
CA PHE A 60 11.39 -11.22 -4.85
C PHE A 60 11.82 -10.34 -6.03
N PRO A 61 12.07 -10.93 -7.22
CA PRO A 61 12.47 -10.13 -8.38
C PRO A 61 11.52 -9.00 -8.71
N THR A 62 11.98 -7.77 -8.51
CA THR A 62 11.13 -6.60 -8.66
C THR A 62 10.68 -6.36 -10.09
N ASP A 63 11.42 -6.89 -11.07
CA ASP A 63 11.23 -6.54 -12.46
C ASP A 63 10.55 -7.62 -13.28
N ASN A 64 10.33 -8.81 -12.73
CA ASN A 64 9.97 -9.98 -13.52
C ASN A 64 8.50 -10.35 -13.31
N PRO A 65 7.62 -10.05 -14.26
CA PRO A 65 6.20 -10.41 -14.10
C PRO A 65 5.95 -11.89 -14.34
N ASN A 66 6.71 -12.49 -15.27
CA ASN A 66 6.62 -13.92 -15.51
C ASN A 66 7.13 -14.74 -14.32
N PHE A 67 7.98 -14.15 -13.48
CA PHE A 67 8.53 -14.90 -12.36
C PHE A 67 7.46 -15.27 -11.34
N ALA A 68 6.63 -14.28 -10.96
CA ALA A 68 5.51 -14.57 -10.05
C ALA A 68 4.62 -15.67 -10.61
N LEU A 69 4.30 -15.61 -11.91
CA LEU A 69 3.46 -16.62 -12.52
C LEU A 69 4.13 -17.99 -12.52
N GLU A 70 5.45 -18.02 -12.70
CA GLU A 70 6.18 -19.28 -12.64
C GLU A 70 6.17 -19.84 -11.21
N ILE A 71 6.26 -18.95 -10.21
CA ILE A 71 6.24 -19.40 -8.83
C ILE A 71 4.85 -19.95 -8.48
N LEU A 72 3.79 -19.28 -8.95
CA LEU A 72 2.44 -19.79 -8.76
C LEU A 72 2.27 -21.15 -9.45
N ASN A 73 2.81 -21.29 -10.67
CA ASN A 73 2.68 -22.55 -11.40
C ASN A 73 3.47 -23.67 -10.72
N ALA A 74 4.52 -23.33 -9.98
CA ALA A 74 5.27 -24.34 -9.26
C ALA A 74 4.54 -24.80 -8.01
N ASN A 75 3.64 -23.97 -7.48
CA ASN A 75 2.82 -24.37 -6.34
C ASN A 75 1.93 -25.55 -6.67
N LEU A 76 1.62 -25.77 -7.95
CA LEU A 76 0.92 -26.98 -8.36
C LEU A 76 1.65 -28.22 -7.88
N TRP A 77 2.91 -28.36 -8.29
CA TRP A 77 3.67 -29.57 -8.01
C TRP A 77 4.10 -29.63 -6.55
N PHE A 78 4.29 -28.47 -5.90
CA PHE A 78 4.47 -28.47 -4.45
C PHE A 78 3.24 -29.00 -3.73
N ALA A 79 2.04 -28.73 -4.29
CA ALA A 79 0.82 -29.26 -3.68
C ALA A 79 0.73 -30.77 -3.85
N GLU A 80 1.11 -31.28 -5.03
CA GLU A 80 1.11 -32.73 -5.23
C GLU A 80 2.02 -33.43 -4.22
N ASN A 81 3.19 -32.87 -3.97
CA ASN A 81 4.19 -33.48 -3.11
C ASN A 81 4.01 -33.13 -1.64
N GLY A 82 2.95 -32.39 -1.30
CA GLY A 82 2.68 -32.05 0.08
C GLY A 82 3.72 -31.15 0.71
N GLY A 83 4.59 -30.58 -0.13
CA GLY A 83 5.67 -29.74 0.35
C GLY A 83 5.19 -28.41 0.88
N PRO A 84 6.12 -27.52 1.18
CA PRO A 84 5.74 -26.18 1.66
C PRO A 84 5.11 -25.36 0.56
N TYR A 85 4.56 -24.21 0.97
CA TYR A 85 3.87 -23.31 0.05
C TYR A 85 4.82 -22.21 -0.41
N LEU A 86 4.85 -21.97 -1.72
CA LEU A 86 5.54 -20.80 -2.25
C LEU A 86 4.69 -19.56 -1.97
N CYS A 87 5.26 -18.61 -1.23
CA CYS A 87 4.53 -17.44 -0.77
C CYS A 87 5.35 -16.18 -1.02
N TYR A 88 4.72 -15.03 -0.84
CA TYR A 88 5.37 -13.74 -0.97
C TYR A 88 5.06 -12.91 0.27
N GLU A 89 6.11 -12.56 1.02
CA GLU A 89 5.97 -11.71 2.21
C GLU A 89 6.08 -10.26 1.75
N SER A 90 4.97 -9.53 1.77
CA SER A 90 4.93 -8.20 1.20
C SER A 90 5.71 -7.17 2.02
N GLY A 91 5.91 -7.42 3.32
CA GLY A 91 6.60 -6.44 4.14
C GLY A 91 8.07 -6.32 3.78
N ALA A 92 8.77 -7.45 3.71
CA ALA A 92 10.15 -7.49 3.29
C ALA A 92 10.32 -7.78 1.81
N GLN A 93 9.22 -8.00 1.09
CA GLN A 93 9.24 -8.31 -0.34
C GLN A 93 10.08 -9.55 -0.63
N SER A 94 9.98 -10.54 0.25
CA SER A 94 10.75 -11.77 0.17
C SER A 94 9.91 -12.91 -0.41
N LEU A 95 10.60 -13.85 -1.05
CA LEU A 95 10.01 -15.12 -1.44
C LEU A 95 10.20 -16.12 -0.31
N LEU A 96 9.12 -16.79 0.08
CA LEU A 96 9.13 -17.67 1.24
C LEU A 96 8.66 -19.06 0.86
N LEU A 97 9.16 -20.05 1.60
CA LEU A 97 8.59 -21.39 1.64
C LEU A 97 8.00 -21.57 3.03
N ALA A 98 6.68 -21.74 3.09
CA ALA A 98 5.94 -21.79 4.35
C ALA A 98 5.37 -23.18 4.57
N LEU A 99 5.47 -23.65 5.81
CA LEU A 99 5.03 -25.00 6.16
C LEU A 99 4.47 -24.99 7.57
N ARG A 100 3.27 -25.56 7.73
CA ARG A 100 2.63 -25.65 9.04
C ARG A 100 3.18 -26.85 9.81
N PHE A 101 3.48 -26.64 11.09
CA PHE A 101 4.00 -27.69 11.96
C PHE A 101 3.06 -27.89 13.15
N PRO A 102 2.43 -29.06 13.28
CA PRO A 102 1.47 -29.25 14.39
C PRO A 102 2.18 -29.50 15.71
N LEU A 103 1.66 -28.86 16.77
CA LEU A 103 2.29 -28.95 18.08
C LEU A 103 1.92 -30.21 18.83
N ASP A 104 0.84 -30.90 18.44
CA ASP A 104 0.49 -32.15 19.09
C ASP A 104 1.49 -33.23 18.70
N ASP A 105 1.97 -33.96 19.71
CA ASP A 105 3.04 -34.95 19.53
C ASP A 105 4.30 -34.33 18.93
N ALA A 106 4.48 -33.03 19.14
CA ALA A 106 5.67 -32.36 18.61
C ALA A 106 6.91 -32.83 19.36
N THR A 107 7.99 -33.03 18.61
CA THR A 107 9.25 -33.52 19.13
C THR A 107 10.37 -32.79 18.40
N PRO A 108 11.45 -32.44 19.11
CA PRO A 108 12.59 -31.82 18.42
C PRO A 108 13.07 -32.59 17.20
N GLU A 109 12.93 -33.92 17.21
CA GLU A 109 13.29 -34.70 16.02
C GLU A 109 12.35 -34.40 14.87
N LYS A 110 11.05 -34.28 15.13
CA LYS A 110 10.09 -33.98 14.07
C LYS A 110 10.25 -32.54 13.58
N LEU A 111 10.44 -31.60 14.51
CA LEU A 111 10.66 -30.21 14.11
C LEU A 111 11.88 -30.08 13.22
N GLU A 112 12.96 -30.77 13.57
CA GLU A 112 14.16 -30.77 12.73
C GLU A 112 13.88 -31.38 11.37
N ASN A 113 13.11 -32.47 11.34
CA ASN A 113 12.84 -33.15 10.07
C ASN A 113 11.93 -32.31 9.17
N GLU A 114 11.03 -31.52 9.75
CA GLU A 114 10.18 -30.66 8.93
C GLU A 114 10.94 -29.43 8.46
N ILE A 115 11.81 -28.88 9.31
CA ILE A 115 12.70 -27.81 8.85
C ILE A 115 13.63 -28.32 7.76
N GLU A 116 14.03 -29.59 7.85
CA GLU A 116 14.85 -30.18 6.78
C GLU A 116 14.08 -30.25 5.48
N VAL A 117 12.78 -30.56 5.55
CA VAL A 117 11.94 -30.56 4.35
C VAL A 117 11.95 -29.17 3.71
N VAL A 118 11.82 -28.13 4.54
CA VAL A 118 11.89 -26.77 4.03
C VAL A 118 13.26 -26.51 3.41
N VAL A 119 14.33 -26.93 4.08
CA VAL A 119 15.67 -26.70 3.56
C VAL A 119 15.87 -27.44 2.24
N LYS A 120 15.40 -28.70 2.16
CA LYS A 120 15.50 -29.45 0.91
C LYS A 120 14.74 -28.76 -0.21
N SER A 121 13.56 -28.21 0.09
CA SER A 121 12.79 -27.48 -0.92
C SER A 121 13.53 -26.22 -1.36
N MET A 122 14.16 -25.53 -0.41
CA MET A 122 14.97 -24.37 -0.78
C MET A 122 16.11 -24.77 -1.71
N GLU A 123 16.79 -25.88 -1.40
CA GLU A 123 17.87 -26.36 -2.27
C GLU A 123 17.36 -26.58 -3.69
N ASN A 124 16.25 -27.31 -3.83
CA ASN A 124 15.72 -27.64 -5.16
C ASN A 124 15.24 -26.40 -5.88
N LEU A 125 14.70 -25.43 -5.15
CA LEU A 125 14.26 -24.19 -5.80
C LEU A 125 15.47 -23.39 -6.30
N TYR A 126 16.49 -23.25 -5.45
CA TYR A 126 17.72 -22.58 -5.86
C TYR A 126 18.31 -23.23 -7.10
N LEU A 127 18.23 -24.56 -7.19
CA LEU A 127 18.71 -25.24 -8.38
C LEU A 127 17.87 -24.88 -9.60
N VAL A 128 16.54 -24.92 -9.45
CA VAL A 128 15.66 -24.60 -10.57
C VAL A 128 15.87 -23.16 -11.02
N LEU A 129 15.98 -22.23 -10.06
CA LEU A 129 16.21 -20.84 -10.41
C LEU A 129 17.54 -20.65 -11.12
N HIS A 130 18.58 -21.36 -10.66
CA HIS A 130 19.87 -21.25 -11.33
C HIS A 130 19.79 -21.77 -12.77
N ASN A 131 19.04 -22.86 -12.98
CA ASN A 131 18.94 -23.43 -14.32
C ASN A 131 18.14 -22.54 -15.25
N GLN A 132 17.36 -21.62 -14.71
CA GLN A 132 16.68 -20.60 -15.50
C GLN A 132 17.47 -19.30 -15.56
N GLY A 133 18.69 -19.29 -15.05
CA GLY A 133 19.50 -18.08 -15.03
C GLY A 133 19.06 -17.04 -14.04
N ILE A 134 18.58 -17.47 -12.86
CA ILE A 134 18.07 -16.56 -11.85
C ILE A 134 18.80 -16.81 -10.54
N THR A 135 19.26 -15.73 -9.91
CA THR A 135 19.87 -15.77 -8.58
C THR A 135 19.20 -14.68 -7.76
N LEU A 136 18.55 -15.07 -6.67
CA LEU A 136 17.78 -14.11 -5.89
C LEU A 136 18.71 -13.32 -4.97
N GLU A 137 18.44 -12.02 -4.88
CA GLU A 137 19.18 -11.19 -3.93
C GLU A 137 18.94 -11.69 -2.51
N ASN A 138 19.87 -11.34 -1.63
CA ASN A 138 19.93 -11.87 -0.27
C ASN A 138 19.82 -10.68 0.68
N GLU A 139 18.60 -10.27 1.03
CA GLU A 139 18.39 -9.12 1.88
C GLU A 139 17.11 -9.29 2.69
N HIS A 140 17.14 -8.86 3.96
CA HIS A 140 16.02 -9.00 4.88
C HIS A 140 15.65 -10.47 5.07
N MET A 141 16.67 -11.29 5.31
CA MET A 141 16.48 -12.73 5.43
C MET A 141 15.89 -13.14 6.78
N LYS A 142 15.96 -12.28 7.79
CA LYS A 142 15.34 -12.56 9.08
C LYS A 142 13.97 -11.88 9.13
N ILE A 143 12.93 -12.68 9.29
CA ILE A 143 11.56 -12.18 9.31
C ILE A 143 11.32 -11.56 10.68
N GLU A 144 11.49 -10.25 10.79
CA GLU A 144 11.19 -9.54 12.03
C GLU A 144 9.68 -9.41 12.24
N GLU A 145 8.91 -9.34 11.15
CA GLU A 145 7.50 -9.01 11.23
C GLU A 145 6.83 -9.36 9.91
N ILE A 146 5.64 -9.95 9.99
CA ILE A 146 4.83 -10.27 8.80
C ILE A 146 3.84 -9.14 8.59
N SER A 147 3.77 -8.64 7.35
CA SER A 147 2.79 -7.61 7.03
C SER A 147 1.40 -8.22 6.99
N SER A 148 0.48 -7.65 7.77
CA SER A 148 -0.86 -8.21 7.88
C SER A 148 -1.77 -7.68 6.77
N SER A 149 -2.85 -8.42 6.53
CA SER A 149 -3.85 -8.04 5.54
C SER A 149 -5.23 -8.43 6.06
N ASP A 150 -6.23 -7.63 5.67
CA ASP A 150 -7.60 -7.93 6.08
C ASP A 150 -8.10 -9.23 5.48
N ASN A 151 -7.59 -9.59 4.29
CA ASN A 151 -8.09 -10.76 3.58
C ASN A 151 -7.58 -12.07 4.16
N LYS A 152 -6.69 -12.04 5.15
CA LYS A 152 -6.08 -13.27 5.63
C LYS A 152 -7.10 -14.17 6.34
N HIS A 153 -8.12 -13.59 6.96
CA HIS A 153 -9.13 -14.40 7.63
C HIS A 153 -10.03 -15.13 6.65
N TYR A 154 -10.16 -14.63 5.42
CA TYR A 154 -10.91 -15.34 4.39
C TYR A 154 -10.13 -16.46 3.73
N TYR A 155 -8.80 -16.40 3.77
CA TYR A 155 -7.96 -17.39 3.08
C TYR A 155 -7.94 -18.70 3.89
N ALA A 156 -9.09 -19.37 3.89
CA ALA A 156 -9.25 -20.64 4.61
C ALA A 156 -10.46 -21.40 4.06
N MET B 3 4.04 58.13 10.21
CA MET B 3 4.48 57.26 9.13
C MET B 3 3.89 55.86 9.26
N SER B 4 3.45 55.31 8.13
CA SER B 4 2.82 54.00 8.09
C SER B 4 3.25 53.27 6.82
N SER B 5 3.51 51.97 6.95
CA SER B 5 3.92 51.17 5.81
C SER B 5 2.72 50.86 4.91
N ARG B 6 3.01 50.23 3.76
CA ARG B 6 1.96 49.95 2.79
C ARG B 6 0.89 49.04 3.37
N SER B 7 1.30 48.03 4.15
CA SER B 7 0.34 47.09 4.71
C SER B 7 -0.60 47.78 5.69
N GLU B 8 -0.07 48.71 6.50
CA GLU B 8 -0.87 49.40 7.49
C GLU B 8 -1.81 50.41 6.86
N LEU B 9 -1.40 51.05 5.77
CA LEU B 9 -2.34 51.85 4.98
C LEU B 9 -3.46 50.98 4.43
N LEU B 10 -3.10 49.85 3.84
CA LEU B 10 -4.09 48.91 3.32
C LEU B 10 -5.02 48.42 4.42
N LEU B 11 -4.46 48.17 5.61
CA LEU B 11 -5.25 47.64 6.71
C LEU B 11 -6.29 48.66 7.18
N ASP B 12 -5.86 49.90 7.39
CA ASP B 12 -6.77 50.93 7.89
C ASP B 12 -7.91 51.18 6.93
N ARG B 13 -7.62 51.19 5.62
CA ARG B 13 -8.67 51.47 4.63
C ARG B 13 -9.55 50.25 4.39
N PHE B 14 -8.98 49.04 4.51
CA PHE B 14 -9.81 47.84 4.47
C PHE B 14 -10.77 47.81 5.65
N ALA B 15 -10.31 48.22 6.83
CA ALA B 15 -11.20 48.29 7.99
C ALA B 15 -12.34 49.27 7.76
N GLU B 16 -12.03 50.43 7.17
CA GLU B 16 -13.07 51.42 6.90
C GLU B 16 -14.03 50.93 5.82
N LYS B 17 -13.56 50.09 4.89
CA LYS B 17 -14.41 49.63 3.80
C LYS B 17 -15.44 48.62 4.30
N ILE B 18 -14.98 47.51 4.87
CA ILE B 18 -15.89 46.45 5.30
C ILE B 18 -16.69 46.83 6.53
N GLY B 19 -16.35 47.94 7.19
CA GLY B 19 -17.19 48.46 8.25
C GLY B 19 -16.81 48.08 9.66
N VAL B 20 -15.54 47.76 9.89
CA VAL B 20 -15.06 47.47 11.24
C VAL B 20 -14.21 48.65 11.70
N GLY B 21 -13.65 48.56 12.91
CA GLY B 21 -12.96 49.69 13.48
C GLY B 21 -11.61 49.42 14.09
N SER B 22 -10.60 50.16 13.62
CA SER B 22 -9.28 50.25 14.25
C SER B 22 -8.61 48.88 14.36
N ILE B 23 -8.14 48.41 13.21
CA ILE B 23 -7.32 47.21 13.15
C ILE B 23 -5.86 47.63 13.24
N SER B 24 -5.08 46.91 14.05
CA SER B 24 -3.70 47.29 14.30
C SER B 24 -2.85 46.04 14.57
N PHE B 25 -1.65 46.03 14.01
CA PHE B 25 -0.73 44.89 14.19
C PHE B 25 -0.10 44.94 15.58
N ASN B 26 0.10 43.76 16.16
CA ASN B 26 0.64 43.68 17.51
C ASN B 26 2.17 43.62 17.45
N GLU B 27 2.79 43.18 18.53
CA GLU B 27 4.26 43.11 18.58
C GLU B 27 4.80 42.14 17.54
N ASN B 28 4.09 41.03 17.33
CA ASN B 28 4.52 40.00 16.40
C ASN B 28 3.97 40.21 14.99
N ARG B 29 3.58 41.44 14.66
CA ARG B 29 3.05 41.81 13.35
C ARG B 29 1.78 41.01 13.02
N LEU B 30 0.91 40.85 14.00
CA LEU B 30 -0.35 40.11 13.83
C LEU B 30 -1.50 40.96 14.32
N CYS B 31 -2.56 41.05 13.52
CA CYS B 31 -3.82 41.64 13.93
C CYS B 31 -4.92 40.59 13.82
N SER B 32 -6.06 40.87 14.44
CA SER B 32 -7.17 39.93 14.47
C SER B 32 -8.48 40.69 14.39
N PHE B 33 -9.38 40.23 13.54
CA PHE B 33 -10.70 40.83 13.40
C PHE B 33 -11.67 39.72 12.99
N ALA B 34 -12.96 40.06 12.96
CA ALA B 34 -14.00 39.11 12.60
C ALA B 34 -14.71 39.57 11.33
N ILE B 35 -15.12 38.61 10.52
CA ILE B 35 -15.85 38.88 9.29
C ILE B 35 -17.32 38.60 9.53
N ASP B 36 -18.15 39.64 9.45
CA ASP B 36 -19.60 39.53 9.66
C ASP B 36 -19.92 39.01 11.06
N GLU B 37 -19.07 39.36 12.03
CA GLU B 37 -19.17 38.93 13.42
C GLU B 37 -19.06 37.43 13.60
N ILE B 38 -18.58 36.69 12.59
CA ILE B 38 -18.60 35.24 12.66
C ILE B 38 -17.20 34.66 12.53
N TYR B 39 -16.61 34.82 11.35
CA TYR B 39 -15.35 34.17 11.00
C TYR B 39 -14.18 34.97 11.54
N TYR B 40 -13.27 34.28 12.23
CA TYR B 40 -12.10 34.90 12.85
C TYR B 40 -10.94 34.89 11.86
N ILE B 41 -10.53 36.07 11.41
CA ILE B 41 -9.44 36.24 10.46
C ILE B 41 -8.30 36.97 11.14
N SER B 42 -7.10 36.42 11.05
CA SER B 42 -5.89 37.06 11.53
C SER B 42 -4.96 37.34 10.36
N LEU B 43 -4.22 38.44 10.45
CA LEU B 43 -3.31 38.88 9.39
C LEU B 43 -1.91 39.07 9.95
N SER B 44 -0.92 38.65 9.18
CA SER B 44 0.48 38.81 9.56
C SER B 44 1.15 39.81 8.62
N ASP B 45 1.98 40.68 9.20
CA ASP B 45 2.75 41.68 8.46
C ASP B 45 4.24 41.49 8.65
N ALA B 46 4.66 40.27 8.99
CA ALA B 46 6.06 40.03 9.36
C ALA B 46 7.00 40.38 8.23
N ASN B 47 6.73 39.89 7.03
CA ASN B 47 7.57 40.14 5.86
C ASN B 47 7.02 41.31 5.07
N ASP B 48 7.91 42.22 4.68
CA ASP B 48 7.54 43.47 4.03
C ASP B 48 7.06 43.30 2.59
N GLU B 49 7.00 42.08 2.07
CA GLU B 49 6.55 41.84 0.70
C GLU B 49 5.15 41.24 0.63
N TYR B 50 4.77 40.41 1.59
CA TYR B 50 3.48 39.74 1.54
C TYR B 50 2.84 39.77 2.93
N MET B 51 1.52 39.82 2.94
CA MET B 51 0.74 39.58 4.15
C MET B 51 0.27 38.13 4.15
N MET B 52 0.08 37.60 5.36
CA MET B 52 -0.46 36.26 5.54
C MET B 52 -1.88 36.37 6.06
N ILE B 53 -2.80 35.61 5.45
CA ILE B 53 -4.18 35.52 5.92
C ILE B 53 -4.32 34.17 6.61
N TYR B 54 -4.73 34.18 7.86
CA TYR B 54 -4.95 32.97 8.64
C TYR B 54 -6.41 32.91 9.04
N GLY B 55 -7.16 31.98 8.45
CA GLY B 55 -8.48 31.66 8.93
C GLY B 55 -8.40 30.61 10.02
N VAL B 56 -8.65 31.01 11.26
CA VAL B 56 -8.60 30.09 12.39
C VAL B 56 -9.89 29.28 12.41
N CYS B 57 -9.78 27.97 12.22
CA CYS B 57 -10.96 27.13 12.19
C CYS B 57 -11.40 26.72 13.59
N GLY B 58 -10.46 26.36 14.43
CA GLY B 58 -10.79 25.97 15.79
C GLY B 58 -9.69 25.10 16.38
N LYS B 59 -9.97 24.62 17.59
CA LYS B 59 -9.00 23.80 18.30
C LYS B 59 -8.81 22.47 17.59
N PHE B 60 -7.60 22.06 17.33
CA PHE B 60 -7.36 20.82 16.67
C PHE B 60 -7.66 19.70 17.58
N PRO B 61 -8.48 18.70 17.11
CA PRO B 61 -8.76 17.63 18.08
C PRO B 61 -7.56 16.82 18.31
N THR B 62 -7.20 16.55 19.54
CA THR B 62 -5.96 15.81 19.76
C THR B 62 -6.06 14.37 20.13
N ASP B 63 -7.25 13.84 20.10
CA ASP B 63 -7.43 12.46 20.41
C ASP B 63 -7.51 11.66 19.13
N ASN B 64 -7.50 12.34 18.00
CA ASN B 64 -7.66 11.65 16.76
C ASN B 64 -6.45 11.66 15.88
N PRO B 65 -5.81 10.54 15.74
CA PRO B 65 -4.66 10.44 14.83
C PRO B 65 -5.04 10.38 13.37
N ASN B 66 -6.14 9.71 13.02
CA ASN B 66 -6.57 9.67 11.63
C ASN B 66 -6.96 11.05 11.12
N PHE B 67 -7.39 11.95 12.01
CA PHE B 67 -7.79 13.28 11.59
C PHE B 67 -6.63 14.04 10.94
N ALA B 68 -5.44 13.97 11.53
CA ALA B 68 -4.29 14.66 10.96
C ALA B 68 -3.95 14.12 9.57
N LEU B 69 -4.12 12.81 9.37
CA LEU B 69 -3.89 12.24 8.04
C LEU B 69 -4.95 12.69 7.06
N GLU B 70 -6.20 12.84 7.53
CA GLU B 70 -7.25 13.30 6.65
C GLU B 70 -7.07 14.79 6.32
N ILE B 71 -6.66 15.60 7.29
CA ILE B 71 -6.36 17.00 7.01
C ILE B 71 -5.23 17.09 5.99
N LEU B 72 -4.16 16.33 6.20
CA LEU B 72 -3.03 16.33 5.28
C LEU B 72 -3.46 15.89 3.89
N ASN B 73 -4.34 14.89 3.80
CA ASN B 73 -4.85 14.47 2.50
C ASN B 73 -5.71 15.55 1.86
N ALA B 74 -6.36 16.38 2.68
CA ALA B 74 -7.18 17.46 2.13
C ALA B 74 -6.32 18.52 1.46
N ASN B 75 -5.05 18.65 1.89
CA ASN B 75 -4.14 19.60 1.25
C ASN B 75 -3.89 19.23 -0.20
N LEU B 76 -4.02 17.95 -0.56
CA LEU B 76 -3.88 17.55 -1.95
C LEU B 76 -4.87 18.30 -2.84
N TRP B 77 -6.10 18.43 -2.37
CA TRP B 77 -7.15 19.04 -3.18
C TRP B 77 -7.13 20.56 -3.05
N PHE B 78 -6.77 21.08 -1.87
CA PHE B 78 -6.52 22.50 -1.75
C PHE B 78 -5.37 22.93 -2.66
N ALA B 79 -4.40 22.05 -2.89
CA ALA B 79 -3.36 22.34 -3.87
C ALA B 79 -3.91 22.35 -5.29
N GLU B 80 -4.76 21.37 -5.61
CA GLU B 80 -5.34 21.33 -6.95
C GLU B 80 -6.21 22.55 -7.22
N ASN B 81 -7.00 22.96 -6.22
CA ASN B 81 -7.99 24.02 -6.38
C ASN B 81 -7.42 25.41 -6.11
N GLY B 82 -6.12 25.53 -5.90
CA GLY B 82 -5.50 26.82 -5.64
C GLY B 82 -5.97 27.50 -4.38
N GLY B 83 -6.49 26.75 -3.42
CA GLY B 83 -7.00 27.32 -2.20
C GLY B 83 -5.93 27.49 -1.15
N PRO B 84 -6.33 27.84 0.07
CA PRO B 84 -5.38 28.01 1.17
C PRO B 84 -4.72 26.69 1.57
N TYR B 85 -3.67 26.82 2.38
CA TYR B 85 -2.97 25.67 2.95
C TYR B 85 -3.60 25.32 4.30
N LEU B 86 -3.92 24.05 4.49
CA LEU B 86 -4.36 23.57 5.80
C LEU B 86 -3.15 23.39 6.71
N CYS B 87 -3.17 24.03 7.87
CA CYS B 87 -2.00 24.08 8.74
C CYS B 87 -2.39 23.81 10.18
N TYR B 88 -1.35 23.69 11.01
CA TYR B 88 -1.49 23.52 12.46
C TYR B 88 -0.58 24.52 13.14
N GLU B 89 -1.15 25.35 14.01
CA GLU B 89 -0.37 26.28 14.83
C GLU B 89 -0.15 25.63 16.19
N SER B 90 1.11 25.35 16.52
CA SER B 90 1.44 24.61 17.73
C SER B 90 1.32 25.45 18.99
N GLY B 91 1.30 26.78 18.89
CA GLY B 91 1.16 27.60 20.08
C GLY B 91 -0.22 27.46 20.70
N ALA B 92 -1.26 27.61 19.88
CA ALA B 92 -2.64 27.51 20.35
C ALA B 92 -3.28 26.16 20.03
N GLN B 93 -2.53 25.22 19.44
CA GLN B 93 -3.07 23.94 19.00
C GLN B 93 -4.29 24.14 18.10
N SER B 94 -4.11 24.99 17.08
CA SER B 94 -5.19 25.42 16.22
C SER B 94 -5.07 24.83 14.83
N LEU B 95 -6.22 24.63 14.18
CA LEU B 95 -6.28 24.28 12.77
C LEU B 95 -6.56 25.56 11.99
N LEU B 96 -5.69 25.88 11.04
CA LEU B 96 -5.78 27.11 10.26
C LEU B 96 -5.88 26.81 8.77
N LEU B 97 -6.38 27.79 8.04
CA LEU B 97 -6.20 27.89 6.60
C LEU B 97 -5.35 29.13 6.34
N ALA B 98 -4.21 28.94 5.70
CA ALA B 98 -3.26 30.02 5.43
C ALA B 98 -3.28 30.37 3.95
N LEU B 99 -3.26 31.67 3.65
CA LEU B 99 -3.24 32.14 2.27
C LEU B 99 -2.35 33.37 2.15
N ARG B 100 -1.40 33.32 1.22
CA ARG B 100 -0.47 34.41 0.99
C ARG B 100 -1.13 35.54 0.18
N PHE B 101 -0.81 36.78 0.54
CA PHE B 101 -1.37 37.96 -0.10
C PHE B 101 -0.25 38.93 -0.48
N PRO B 102 0.06 39.08 -1.77
CA PRO B 102 1.15 39.98 -2.16
C PRO B 102 0.76 41.44 -1.96
N LEU B 103 1.73 42.23 -1.51
CA LEU B 103 1.48 43.64 -1.19
C LEU B 103 1.52 44.53 -2.42
N ASP B 104 2.25 44.13 -3.46
CA ASP B 104 2.29 44.93 -4.69
C ASP B 104 0.93 44.93 -5.36
N ASP B 105 0.48 46.11 -5.80
CA ASP B 105 -0.81 46.29 -6.46
C ASP B 105 -1.97 45.83 -5.59
N ALA B 106 -1.80 45.91 -4.28
CA ALA B 106 -2.87 45.52 -3.38
C ALA B 106 -4.01 46.55 -3.42
N THR B 107 -5.21 46.08 -3.09
CA THR B 107 -6.43 46.87 -3.13
C THR B 107 -7.36 46.30 -2.07
N PRO B 108 -8.00 47.17 -1.26
CA PRO B 108 -8.96 46.67 -0.26
C PRO B 108 -10.00 45.71 -0.81
N GLU B 109 -10.44 45.89 -2.06
CA GLU B 109 -11.31 44.90 -2.68
C GLU B 109 -10.59 43.58 -2.89
N LYS B 110 -9.31 43.64 -3.29
CA LYS B 110 -8.54 42.41 -3.47
C LYS B 110 -8.29 41.72 -2.14
N LEU B 111 -7.93 42.50 -1.10
CA LEU B 111 -7.74 41.91 0.21
C LEU B 111 -9.03 41.29 0.73
N GLU B 112 -10.16 41.97 0.53
CA GLU B 112 -11.45 41.42 0.94
C GLU B 112 -11.79 40.17 0.13
N ASN B 113 -11.38 40.12 -1.14
CA ASN B 113 -11.66 38.94 -1.95
C ASN B 113 -10.82 37.75 -1.52
N GLU B 114 -9.57 37.99 -1.13
CA GLU B 114 -8.71 36.89 -0.68
C GLU B 114 -9.13 36.40 0.70
N ILE B 115 -9.59 37.31 1.57
CA ILE B 115 -10.18 36.90 2.83
C ILE B 115 -11.45 36.10 2.58
N GLU B 116 -12.25 36.52 1.60
CA GLU B 116 -13.46 35.78 1.27
C GLU B 116 -13.13 34.37 0.78
N VAL B 117 -12.04 34.21 0.03
CA VAL B 117 -11.57 32.88 -0.36
C VAL B 117 -11.32 32.04 0.88
N VAL B 118 -10.64 32.63 1.88
CA VAL B 118 -10.31 31.90 3.11
C VAL B 118 -11.57 31.53 3.87
N VAL B 119 -12.56 32.43 3.92
CA VAL B 119 -13.76 32.12 4.69
C VAL B 119 -14.67 31.15 3.93
N LYS B 120 -14.65 31.18 2.59
CA LYS B 120 -15.36 30.15 1.83
C LYS B 120 -14.78 28.78 2.13
N SER B 121 -13.45 28.69 2.22
CA SER B 121 -12.82 27.42 2.59
C SER B 121 -13.19 27.03 4.01
N MET B 122 -13.25 28.00 4.92
CA MET B 122 -13.68 27.71 6.28
C MET B 122 -15.09 27.15 6.31
N GLU B 123 -16.02 27.78 5.56
CA GLU B 123 -17.39 27.27 5.52
C GLU B 123 -17.43 25.85 5.01
N ASN B 124 -16.72 25.58 3.91
CA ASN B 124 -16.71 24.24 3.34
C ASN B 124 -16.06 23.24 4.28
N LEU B 125 -14.98 23.65 4.95
CA LEU B 125 -14.31 22.76 5.90
C LEU B 125 -15.23 22.42 7.06
N TYR B 126 -15.90 23.43 7.63
CA TYR B 126 -16.86 23.17 8.69
C TYR B 126 -17.92 22.19 8.24
N LEU B 127 -18.44 22.38 7.03
CA LEU B 127 -19.45 21.47 6.47
C LEU B 127 -18.91 20.06 6.36
N VAL B 128 -17.67 19.91 5.89
CA VAL B 128 -17.07 18.58 5.71
C VAL B 128 -16.83 17.92 7.06
N LEU B 129 -16.38 18.69 8.04
CA LEU B 129 -16.18 18.13 9.37
C LEU B 129 -17.51 17.74 10.00
N HIS B 130 -18.55 18.52 9.74
CA HIS B 130 -19.86 18.15 10.27
C HIS B 130 -20.37 16.85 9.67
N ASN B 131 -20.21 16.67 8.35
CA ASN B 131 -20.64 15.42 7.72
C ASN B 131 -19.80 14.23 8.16
N GLN B 132 -18.70 14.45 8.87
CA GLN B 132 -17.94 13.39 9.51
C GLN B 132 -18.21 13.32 11.01
N GLY B 133 -19.19 14.09 11.49
CA GLY B 133 -19.53 14.08 12.90
C GLY B 133 -18.53 14.83 13.79
N ILE B 134 -17.91 15.88 13.25
CA ILE B 134 -16.83 16.59 13.93
C ILE B 134 -17.21 18.07 14.00
N THR B 135 -17.25 18.61 15.21
CA THR B 135 -17.34 20.06 15.43
C THR B 135 -16.11 20.47 16.24
N LEU B 136 -15.47 21.55 15.81
CA LEU B 136 -14.25 22.01 16.47
C LEU B 136 -14.60 22.97 17.60
N GLU B 137 -13.87 22.86 18.70
CA GLU B 137 -14.02 23.83 19.77
C GLU B 137 -13.57 25.21 19.29
N ASN B 138 -14.21 26.24 19.83
CA ASN B 138 -13.92 27.63 19.48
C ASN B 138 -13.15 28.24 20.65
N GLU B 139 -11.82 28.23 20.55
CA GLU B 139 -10.96 28.75 21.61
C GLU B 139 -9.67 29.25 20.98
N HIS B 140 -9.13 30.34 21.53
CA HIS B 140 -7.89 30.93 21.03
C HIS B 140 -7.99 31.23 19.54
N MET B 141 -9.08 31.89 19.15
CA MET B 141 -9.32 32.16 17.74
C MET B 141 -8.52 33.35 17.22
N LYS B 142 -7.96 34.17 18.11
CA LYS B 142 -7.10 35.28 17.73
C LYS B 142 -5.65 34.82 17.86
N ILE B 143 -4.91 34.85 16.77
CA ILE B 143 -3.50 34.47 16.77
C ILE B 143 -2.69 35.65 17.28
N GLU B 144 -2.21 35.57 18.52
CA GLU B 144 -1.35 36.59 19.10
C GLU B 144 0.12 36.37 18.75
N GLU B 145 0.54 35.11 18.61
CA GLU B 145 1.90 34.78 18.22
C GLU B 145 1.89 33.43 17.52
N ILE B 146 2.65 33.33 16.44
CA ILE B 146 2.90 32.06 15.77
C ILE B 146 4.08 31.38 16.46
N SER B 147 3.86 30.19 16.98
CA SER B 147 4.93 29.40 17.57
C SER B 147 5.94 29.04 16.49
N SER B 148 7.10 29.68 16.51
CA SER B 148 8.07 29.53 15.42
C SER B 148 8.99 28.34 15.66
N SER B 149 9.49 27.79 14.56
CA SER B 149 10.44 26.68 14.60
C SER B 149 11.74 27.11 13.94
N ASP B 150 12.84 26.50 14.38
CA ASP B 150 14.12 26.79 13.74
C ASP B 150 14.24 26.16 12.37
N ASN B 151 13.35 25.24 12.01
CA ASN B 151 13.28 24.70 10.66
C ASN B 151 12.60 25.65 9.69
N LYS B 152 12.17 26.82 10.16
CA LYS B 152 11.27 27.68 9.38
C LYS B 152 11.88 28.05 8.02
N HIS B 153 13.17 28.43 8.02
CA HIS B 153 13.78 28.94 6.80
C HIS B 153 14.02 27.86 5.76
N TYR B 154 13.97 26.59 6.14
CA TYR B 154 14.17 25.53 5.17
C TYR B 154 12.89 25.17 4.44
N TYR B 155 11.73 25.40 5.07
CA TYR B 155 10.45 25.09 4.44
C TYR B 155 10.23 26.05 3.28
N ALA B 156 10.88 25.75 2.17
CA ALA B 156 10.87 26.61 0.99
C ALA B 156 11.03 25.78 -0.27
N MET C 3 -12.09 -50.39 -14.58
CA MET C 3 -11.35 -49.72 -13.53
C MET C 3 -10.11 -50.53 -13.13
N SER C 4 -9.05 -49.83 -12.73
CA SER C 4 -7.79 -50.49 -12.43
C SER C 4 -7.10 -49.96 -11.17
N SER C 5 -7.79 -49.16 -10.35
CA SER C 5 -7.18 -48.66 -9.12
C SER C 5 -8.28 -48.30 -8.14
N ARG C 6 -7.88 -48.15 -6.88
CA ARG C 6 -8.80 -47.63 -5.86
C ARG C 6 -9.21 -46.20 -6.17
N SER C 7 -8.42 -45.47 -6.96
CA SER C 7 -8.78 -44.12 -7.35
C SER C 7 -9.93 -44.11 -8.35
N GLU C 8 -9.97 -45.11 -9.24
CA GLU C 8 -11.08 -45.21 -10.18
C GLU C 8 -12.36 -45.64 -9.46
N LEU C 9 -12.23 -46.57 -8.51
CA LEU C 9 -13.40 -46.97 -7.72
C LEU C 9 -13.91 -45.81 -6.89
N LEU C 10 -13.00 -44.98 -6.37
CA LEU C 10 -13.43 -43.79 -5.63
C LEU C 10 -14.17 -42.82 -6.53
N LEU C 11 -13.69 -42.61 -7.76
CA LEU C 11 -14.34 -41.68 -8.67
C LEU C 11 -15.73 -42.16 -9.05
N ASP C 12 -15.88 -43.46 -9.30
CA ASP C 12 -17.18 -43.99 -9.71
C ASP C 12 -18.21 -43.86 -8.58
N ARG C 13 -17.82 -44.25 -7.36
CA ARG C 13 -18.73 -44.11 -6.22
C ARG C 13 -19.05 -42.65 -5.93
N PHE C 14 -18.12 -41.75 -6.21
CA PHE C 14 -18.38 -40.33 -5.97
C PHE C 14 -19.33 -39.77 -7.02
N ALA C 15 -19.15 -40.15 -8.29
CA ALA C 15 -20.09 -39.73 -9.33
C ALA C 15 -21.49 -40.26 -9.06
N GLU C 16 -21.59 -41.43 -8.41
CA GLU C 16 -22.88 -41.95 -8.00
C GLU C 16 -23.48 -41.12 -6.87
N LYS C 17 -22.67 -40.80 -5.86
CA LYS C 17 -23.18 -40.08 -4.69
C LYS C 17 -23.60 -38.66 -5.04
N ILE C 18 -22.92 -38.02 -6.00
CA ILE C 18 -23.27 -36.67 -6.40
C ILE C 18 -24.33 -36.64 -7.50
N GLY C 19 -24.42 -37.67 -8.32
CA GLY C 19 -25.39 -37.69 -9.40
C GLY C 19 -24.98 -36.88 -10.61
N VAL C 20 -23.68 -36.77 -10.88
CA VAL C 20 -23.18 -35.99 -12.01
C VAL C 20 -23.15 -36.85 -13.25
N GLY C 21 -23.69 -38.07 -13.15
CA GLY C 21 -23.70 -38.97 -14.29
C GLY C 21 -22.43 -39.79 -14.40
N SER C 22 -21.99 -40.05 -15.63
CA SER C 22 -20.80 -40.86 -15.87
C SER C 22 -19.58 -39.95 -15.92
N ILE C 23 -18.70 -40.09 -14.93
CA ILE C 23 -17.43 -39.38 -14.87
C ILE C 23 -16.30 -40.39 -14.99
N SER C 24 -15.30 -40.06 -15.80
CA SER C 24 -14.18 -40.96 -16.03
C SER C 24 -12.93 -40.15 -16.27
N PHE C 25 -11.81 -40.59 -15.67
CA PHE C 25 -10.53 -39.97 -15.95
C PHE C 25 -10.20 -40.08 -17.43
N ASN C 26 -9.69 -39.01 -18.00
CA ASN C 26 -9.48 -38.98 -19.45
C ASN C 26 -8.08 -39.49 -19.79
N GLU C 27 -7.58 -39.11 -20.96
CA GLU C 27 -6.27 -39.57 -21.42
C GLU C 27 -5.17 -39.17 -20.43
N ASN C 28 -5.25 -37.97 -19.89
CA ASN C 28 -4.30 -37.44 -18.92
C ASN C 28 -4.73 -37.69 -17.49
N ARG C 29 -5.73 -38.54 -17.27
CA ARG C 29 -6.32 -38.80 -15.96
C ARG C 29 -6.74 -37.48 -15.30
N LEU C 30 -7.59 -36.74 -16.01
CA LEU C 30 -8.18 -35.50 -15.53
C LEU C 30 -9.65 -35.49 -15.88
N CYS C 31 -10.52 -35.48 -14.87
CA CYS C 31 -11.95 -35.42 -15.06
C CYS C 31 -12.49 -34.16 -14.43
N SER C 32 -13.32 -33.44 -15.16
CA SER C 32 -13.91 -32.18 -14.71
C SER C 32 -15.41 -32.31 -14.59
N PHE C 33 -15.98 -31.71 -13.55
CA PHE C 33 -17.41 -31.70 -13.32
C PHE C 33 -17.78 -30.43 -12.56
N ALA C 34 -19.06 -30.30 -12.23
CA ALA C 34 -19.58 -29.14 -11.53
C ALA C 34 -20.30 -29.59 -10.27
N ILE C 35 -19.94 -28.99 -9.14
CA ILE C 35 -20.66 -29.22 -7.89
C ILE C 35 -21.79 -28.20 -7.82
N ASP C 36 -23.02 -28.68 -7.66
CA ASP C 36 -24.21 -27.84 -7.63
C ASP C 36 -24.38 -27.03 -8.91
N GLU C 37 -23.77 -27.49 -10.01
CA GLU C 37 -23.77 -26.76 -11.28
C GLU C 37 -23.26 -25.33 -11.11
N ILE C 38 -22.33 -25.12 -10.17
CA ILE C 38 -21.84 -23.79 -9.86
C ILE C 38 -20.32 -23.77 -9.90
N TYR C 39 -19.71 -24.67 -9.12
CA TYR C 39 -18.27 -24.68 -8.93
C TYR C 39 -17.62 -25.71 -9.84
N TYR C 40 -16.67 -25.26 -10.65
CA TYR C 40 -15.92 -26.13 -11.54
C TYR C 40 -14.78 -26.77 -10.77
N ILE C 41 -14.77 -28.09 -10.70
CA ILE C 41 -13.76 -28.84 -9.97
C ILE C 41 -13.25 -29.96 -10.86
N SER C 42 -11.93 -30.08 -10.96
CA SER C 42 -11.29 -31.16 -11.70
C SER C 42 -10.53 -32.07 -10.74
N LEU C 43 -10.57 -33.36 -11.02
CA LEU C 43 -9.87 -34.36 -10.24
C LEU C 43 -8.82 -35.03 -11.12
N SER C 44 -7.61 -35.18 -10.58
CA SER C 44 -6.52 -35.84 -11.28
C SER C 44 -6.07 -37.05 -10.48
N ASP C 45 -5.93 -38.18 -11.16
CA ASP C 45 -5.33 -39.38 -10.57
C ASP C 45 -3.82 -39.17 -10.60
N ALA C 46 -3.33 -38.37 -9.65
CA ALA C 46 -1.95 -37.94 -9.68
C ALA C 46 -0.99 -39.12 -9.59
N ASN C 47 -1.19 -40.00 -8.60
CA ASN C 47 -0.35 -41.17 -8.43
C ASN C 47 -1.15 -42.21 -7.65
N ASP C 48 -0.56 -43.39 -7.48
CA ASP C 48 -1.20 -44.51 -6.80
C ASP C 48 -1.42 -44.25 -5.31
N GLU C 49 -0.97 -43.12 -4.78
CA GLU C 49 -1.12 -42.81 -3.37
C GLU C 49 -1.98 -41.59 -3.09
N TYR C 50 -2.12 -40.68 -4.04
CA TYR C 50 -2.83 -39.43 -3.80
C TYR C 50 -3.68 -39.04 -5.00
N MET C 51 -4.76 -38.31 -4.72
CA MET C 51 -5.58 -37.66 -5.72
C MET C 51 -5.43 -36.15 -5.56
N MET C 52 -5.54 -35.43 -6.67
CA MET C 52 -5.45 -33.97 -6.68
C MET C 52 -6.81 -33.37 -6.99
N ILE C 53 -7.24 -32.43 -6.14
CA ILE C 53 -8.49 -31.71 -6.32
C ILE C 53 -8.15 -30.30 -6.76
N TYR C 54 -8.65 -29.90 -7.93
CA TYR C 54 -8.43 -28.55 -8.45
C TYR C 54 -9.76 -27.81 -8.51
N GLY C 55 -9.82 -26.67 -7.83
CA GLY C 55 -10.93 -25.75 -7.98
C GLY C 55 -10.58 -24.61 -8.91
N VAL C 56 -11.15 -24.62 -10.10
CA VAL C 56 -10.83 -23.62 -11.12
C VAL C 56 -11.59 -22.34 -10.79
N CYS C 57 -10.86 -21.30 -10.37
CA CYS C 57 -11.48 -20.04 -9.99
C CYS C 57 -11.84 -19.20 -11.21
N GLY C 58 -10.95 -19.10 -12.18
CA GLY C 58 -11.20 -18.29 -13.35
C GLY C 58 -9.92 -17.97 -14.08
N LYS C 59 -10.07 -17.20 -15.15
CA LYS C 59 -8.92 -16.79 -15.94
C LYS C 59 -8.08 -15.79 -15.16
N PHE C 60 -6.76 -15.98 -15.21
CA PHE C 60 -5.85 -15.12 -14.47
C PHE C 60 -5.80 -13.75 -15.11
N PRO C 61 -5.93 -12.67 -14.33
CA PRO C 61 -5.83 -11.32 -14.90
C PRO C 61 -4.56 -11.11 -15.70
N THR C 62 -4.68 -10.40 -16.82
CA THR C 62 -3.57 -10.16 -17.73
C THR C 62 -2.87 -8.83 -17.49
N ASP C 63 -3.54 -7.87 -16.86
CA ASP C 63 -2.96 -6.55 -16.68
C ASP C 63 -2.20 -6.44 -15.36
N ASN C 64 -2.88 -6.70 -14.25
CA ASN C 64 -2.32 -6.44 -12.92
C ASN C 64 -1.14 -7.35 -12.62
N PRO C 65 0.07 -6.82 -12.45
CA PRO C 65 1.16 -7.66 -11.94
C PRO C 65 1.12 -7.76 -10.43
N ASN C 66 0.63 -6.70 -9.77
CA ASN C 66 0.48 -6.74 -8.33
C ASN C 66 -0.47 -7.82 -7.88
N PHE C 67 -1.42 -8.19 -8.75
CA PHE C 67 -2.36 -9.25 -8.41
C PHE C 67 -1.65 -10.56 -8.11
N ALA C 68 -0.66 -10.93 -8.93
CA ALA C 68 0.12 -12.14 -8.68
C ALA C 68 0.80 -12.07 -7.31
N LEU C 69 1.26 -10.88 -6.92
CA LEU C 69 1.86 -10.71 -5.60
C LEU C 69 0.83 -10.85 -4.48
N GLU C 70 -0.40 -10.41 -4.71
CA GLU C 70 -1.46 -10.60 -3.73
C GLU C 70 -1.81 -12.07 -3.58
N ILE C 71 -1.93 -12.78 -4.69
CA ILE C 71 -2.20 -14.21 -4.65
C ILE C 71 -1.08 -14.93 -3.90
N LEU C 72 0.17 -14.60 -4.23
CA LEU C 72 1.32 -15.21 -3.56
C LEU C 72 1.27 -14.93 -2.07
N ASN C 73 0.97 -13.69 -1.68
CA ASN C 73 0.86 -13.35 -0.26
C ASN C 73 -0.26 -14.12 0.41
N ALA C 74 -1.34 -14.39 -0.33
CA ALA C 74 -2.44 -15.16 0.24
C ALA C 74 -2.03 -16.60 0.55
N ASN C 75 -1.05 -17.12 -0.19
CA ASN C 75 -0.59 -18.49 0.06
C ASN C 75 0.01 -18.64 1.44
N LEU C 76 0.52 -17.54 2.01
CA LEU C 76 0.98 -17.57 3.41
C LEU C 76 -0.13 -18.04 4.32
N TRP C 77 -1.29 -17.40 4.23
CA TRP C 77 -2.40 -17.68 5.15
C TRP C 77 -3.10 -18.99 4.81
N PHE C 78 -3.19 -19.33 3.52
CA PHE C 78 -3.70 -20.66 3.17
C PHE C 78 -2.81 -21.75 3.72
N ALA C 79 -1.50 -21.48 3.85
CA ALA C 79 -0.58 -22.44 4.45
C ALA C 79 -0.85 -22.61 5.93
N GLU C 80 -1.23 -21.53 6.62
CA GLU C 80 -1.55 -21.63 8.04
C GLU C 80 -2.76 -22.53 8.29
N ASN C 81 -3.74 -22.50 7.38
CA ASN C 81 -5.01 -23.19 7.56
C ASN C 81 -5.09 -24.49 6.77
N GLY C 82 -3.95 -25.08 6.43
CA GLY C 82 -3.92 -26.40 5.85
C GLY C 82 -4.54 -26.56 4.47
N GLY C 83 -4.16 -25.71 3.53
CA GLY C 83 -4.61 -25.82 2.17
C GLY C 83 -5.95 -25.16 1.93
N PRO C 84 -6.34 -25.02 0.65
CA PRO C 84 -5.58 -25.44 -0.54
C PRO C 84 -4.48 -24.46 -0.97
N TYR C 85 -3.79 -24.82 -2.05
CA TYR C 85 -2.71 -24.01 -2.61
C TYR C 85 -3.25 -23.15 -3.75
N LEU C 86 -3.00 -21.84 -3.67
CA LEU C 86 -3.25 -20.95 -4.79
C LEU C 86 -2.16 -21.19 -5.85
N CYS C 87 -2.58 -21.51 -7.07
CA CYS C 87 -1.64 -21.86 -8.13
C CYS C 87 -2.06 -21.20 -9.43
N TYR C 88 -1.15 -21.23 -10.39
CA TYR C 88 -1.41 -20.78 -11.76
C TYR C 88 -1.21 -21.97 -12.68
N GLU C 89 -2.13 -22.15 -13.63
CA GLU C 89 -2.03 -23.22 -14.61
C GLU C 89 -1.71 -22.59 -15.97
N SER C 90 -0.53 -22.90 -16.49
CA SER C 90 -0.01 -22.18 -17.65
C SER C 90 -0.80 -22.48 -18.91
N GLY C 91 -1.32 -23.69 -19.05
CA GLY C 91 -2.04 -24.07 -20.26
C GLY C 91 -3.29 -23.25 -20.49
N ALA C 92 -4.17 -23.20 -19.49
CA ALA C 92 -5.40 -22.45 -19.57
C ALA C 92 -5.28 -21.04 -19.01
N GLN C 93 -4.10 -20.66 -18.51
CA GLN C 93 -3.87 -19.33 -17.94
C GLN C 93 -4.88 -19.01 -16.84
N SER C 94 -5.16 -20.01 -16.02
CA SER C 94 -6.21 -19.93 -15.02
C SER C 94 -5.63 -19.93 -13.61
N LEU C 95 -6.31 -19.21 -12.73
CA LEU C 95 -6.07 -19.32 -11.29
C LEU C 95 -6.87 -20.49 -10.74
N LEU C 96 -6.23 -21.28 -9.88
CA LEU C 96 -6.91 -22.45 -9.34
C LEU C 96 -6.40 -22.74 -7.94
N LEU C 97 -7.22 -23.50 -7.19
CA LEU C 97 -6.89 -23.95 -5.86
C LEU C 97 -6.66 -25.46 -5.91
N ALA C 98 -5.44 -25.89 -5.60
CA ALA C 98 -5.07 -27.29 -5.61
C ALA C 98 -5.00 -27.83 -4.18
N LEU C 99 -5.39 -29.10 -4.01
CA LEU C 99 -5.37 -29.75 -2.70
C LEU C 99 -5.32 -31.25 -2.93
N ARG C 100 -4.35 -31.91 -2.31
CA ARG C 100 -4.15 -33.35 -2.46
C ARG C 100 -5.04 -34.12 -1.49
N PHE C 101 -5.43 -35.32 -1.89
CA PHE C 101 -6.35 -36.15 -1.13
C PHE C 101 -5.73 -37.52 -0.93
N PRO C 102 -5.50 -37.96 0.30
CA PRO C 102 -4.88 -39.28 0.51
C PRO C 102 -5.85 -40.40 0.18
N LEU C 103 -5.32 -41.42 -0.50
CA LEU C 103 -6.13 -42.56 -0.92
C LEU C 103 -6.24 -43.64 0.15
N ASP C 104 -5.58 -43.49 1.29
CA ASP C 104 -5.74 -44.42 2.39
C ASP C 104 -7.01 -44.10 3.17
N ASP C 105 -7.84 -45.12 3.38
CA ASP C 105 -9.10 -44.99 4.11
C ASP C 105 -10.02 -43.94 3.49
N ALA C 106 -9.94 -43.78 2.17
CA ALA C 106 -10.67 -42.73 1.48
C ALA C 106 -12.07 -43.20 1.12
N THR C 107 -13.07 -42.42 1.53
CA THR C 107 -14.47 -42.65 1.21
C THR C 107 -15.03 -41.47 0.44
N PRO C 108 -16.10 -41.67 -0.34
CA PRO C 108 -16.70 -40.53 -1.05
C PRO C 108 -17.18 -39.42 -0.13
N GLU C 109 -17.54 -39.74 1.12
CA GLU C 109 -17.90 -38.71 2.07
C GLU C 109 -16.70 -37.82 2.40
N LYS C 110 -15.54 -38.42 2.61
CA LYS C 110 -14.33 -37.63 2.85
C LYS C 110 -13.96 -36.82 1.62
N LEU C 111 -13.97 -37.45 0.44
CA LEU C 111 -13.69 -36.73 -0.79
C LEU C 111 -14.63 -35.55 -0.98
N GLU C 112 -15.91 -35.75 -0.67
CA GLU C 112 -16.88 -34.66 -0.80
C GLU C 112 -16.60 -33.55 0.20
N ASN C 113 -16.17 -33.90 1.41
CA ASN C 113 -15.88 -32.88 2.41
C ASN C 113 -14.64 -32.08 2.06
N GLU C 114 -13.63 -32.74 1.49
CA GLU C 114 -12.44 -32.03 1.02
C GLU C 114 -12.77 -31.10 -0.14
N ILE C 115 -13.60 -31.58 -1.08
CA ILE C 115 -14.05 -30.73 -2.17
C ILE C 115 -14.85 -29.55 -1.65
N GLU C 116 -15.62 -29.76 -0.58
CA GLU C 116 -16.34 -28.65 0.03
C GLU C 116 -15.38 -27.64 0.66
N VAL C 117 -14.21 -28.10 1.13
CA VAL C 117 -13.21 -27.17 1.62
C VAL C 117 -12.63 -26.35 0.47
N VAL C 118 -12.40 -26.99 -0.67
CA VAL C 118 -12.05 -26.25 -1.89
C VAL C 118 -13.14 -25.26 -2.25
N VAL C 119 -14.40 -25.69 -2.20
CA VAL C 119 -15.51 -24.83 -2.57
C VAL C 119 -15.60 -23.64 -1.63
N LYS C 120 -15.43 -23.87 -0.33
CA LYS C 120 -15.44 -22.77 0.63
C LYS C 120 -14.34 -21.77 0.32
N SER C 121 -13.15 -22.27 -0.03
CA SER C 121 -12.04 -21.39 -0.37
C SER C 121 -12.31 -20.63 -1.66
N MET C 122 -12.88 -21.28 -2.66
CA MET C 122 -13.26 -20.59 -3.89
C MET C 122 -14.21 -19.43 -3.58
N GLU C 123 -15.19 -19.70 -2.75
CA GLU C 123 -16.12 -18.67 -2.37
C GLU C 123 -15.47 -17.52 -1.67
N ASN C 124 -14.63 -17.81 -0.71
CA ASN C 124 -13.90 -16.77 0.01
C ASN C 124 -13.02 -15.96 -0.92
N LEU C 125 -12.38 -16.61 -1.89
CA LEU C 125 -11.55 -15.88 -2.85
C LEU C 125 -12.41 -14.99 -3.74
N TYR C 126 -13.51 -15.53 -4.27
CA TYR C 126 -14.46 -14.71 -5.02
C TYR C 126 -14.90 -13.51 -4.22
N LEU C 127 -15.09 -13.70 -2.91
CA LEU C 127 -15.56 -12.62 -2.05
C LEU C 127 -14.50 -11.53 -1.89
N VAL C 128 -13.24 -11.92 -1.64
CA VAL C 128 -12.21 -10.91 -1.42
C VAL C 128 -11.87 -10.19 -2.72
N LEU C 129 -11.98 -10.89 -3.86
CA LEU C 129 -11.77 -10.24 -5.15
C LEU C 129 -12.88 -9.23 -5.44
N HIS C 130 -14.13 -9.60 -5.13
CA HIS C 130 -15.23 -8.65 -5.33
C HIS C 130 -15.04 -7.41 -4.47
N ASN C 131 -14.65 -7.59 -3.20
CA ASN C 131 -14.43 -6.44 -2.32
C ASN C 131 -13.24 -5.60 -2.78
N GLN C 132 -12.27 -6.22 -3.46
CA GLN C 132 -11.18 -5.49 -4.07
C GLN C 132 -11.57 -4.83 -5.39
N GLY C 133 -12.72 -5.19 -5.95
CA GLY C 133 -13.16 -4.65 -7.21
C GLY C 133 -12.81 -5.49 -8.42
N ILE C 134 -12.58 -6.78 -8.24
CA ILE C 134 -12.11 -7.67 -9.30
C ILE C 134 -13.10 -8.81 -9.45
N THR C 135 -13.43 -9.14 -10.69
CA THR C 135 -14.23 -10.33 -11.00
C THR C 135 -13.50 -11.12 -12.08
N LEU C 136 -13.36 -12.42 -11.87
CA LEU C 136 -12.58 -13.24 -12.78
C LEU C 136 -13.44 -13.67 -13.96
N GLU C 137 -12.90 -13.53 -15.16
CA GLU C 137 -13.59 -14.04 -16.34
C GLU C 137 -13.66 -15.56 -16.28
N ASN C 138 -14.80 -16.09 -16.67
CA ASN C 138 -15.11 -17.51 -16.51
C ASN C 138 -14.83 -18.24 -17.83
N GLU C 139 -13.55 -18.41 -18.13
CA GLU C 139 -13.13 -19.00 -19.40
C GLU C 139 -12.17 -20.16 -19.14
N HIS C 140 -12.37 -21.26 -19.89
CA HIS C 140 -11.56 -22.47 -19.78
C HIS C 140 -11.61 -23.03 -18.36
N MET C 141 -12.83 -23.42 -17.96
CA MET C 141 -13.04 -23.90 -16.59
C MET C 141 -12.69 -25.37 -16.43
N LYS C 142 -12.84 -26.17 -17.48
CA LYS C 142 -12.62 -27.60 -17.37
C LYS C 142 -11.17 -27.93 -17.73
N ILE C 143 -10.44 -28.50 -16.78
CA ILE C 143 -9.04 -28.83 -16.97
C ILE C 143 -8.99 -30.24 -17.54
N GLU C 144 -8.81 -30.34 -18.86
CA GLU C 144 -8.60 -31.64 -19.49
C GLU C 144 -7.12 -32.02 -19.56
N GLU C 145 -6.22 -31.03 -19.51
CA GLU C 145 -4.79 -31.29 -19.52
C GLU C 145 -4.08 -30.18 -18.75
N ILE C 146 -3.05 -30.55 -18.00
CA ILE C 146 -2.24 -29.61 -17.23
C ILE C 146 -0.91 -29.42 -17.94
N SER C 147 -0.57 -28.17 -18.23
CA SER C 147 0.71 -27.84 -18.83
C SER C 147 1.85 -28.23 -17.89
N SER C 148 2.61 -29.25 -18.27
CA SER C 148 3.62 -29.85 -17.41
C SER C 148 4.94 -29.09 -17.49
N SER C 149 5.65 -29.09 -16.37
CA SER C 149 6.95 -28.43 -16.25
C SER C 149 8.01 -29.48 -15.93
N ASP C 150 9.14 -29.42 -16.63
CA ASP C 150 10.23 -30.36 -16.36
C ASP C 150 10.70 -30.28 -14.92
N ASN C 151 10.54 -29.11 -14.29
CA ASN C 151 10.98 -28.89 -12.92
C ASN C 151 10.04 -29.49 -11.89
N LYS C 152 8.96 -30.16 -12.30
CA LYS C 152 7.98 -30.67 -11.35
C LYS C 152 8.62 -31.63 -10.36
N HIS C 153 9.61 -32.42 -10.79
CA HIS C 153 10.25 -33.38 -9.89
C HIS C 153 11.16 -32.72 -8.88
N TYR C 154 11.61 -31.49 -9.16
CA TYR C 154 12.37 -30.75 -8.17
C TYR C 154 11.47 -30.12 -7.11
N TYR C 155 10.23 -29.80 -7.48
CA TYR C 155 9.32 -29.12 -6.56
C TYR C 155 8.82 -30.07 -5.48
N ALA C 156 9.73 -30.44 -4.56
CA ALA C 156 9.38 -31.30 -3.42
C ALA C 156 10.45 -31.11 -2.35
N GLY C 157 10.12 -31.53 -1.13
CA GLY C 157 11.03 -31.38 -0.01
C GLY C 157 11.57 -32.68 0.54
N LEU D 9 1.08 17.93 -24.69
CA LEU D 9 1.67 18.70 -25.77
C LEU D 9 2.94 19.39 -25.30
N LEU D 10 2.85 20.07 -24.15
CA LEU D 10 4.03 20.63 -23.51
C LEU D 10 4.87 19.56 -22.84
N LEU D 11 4.28 18.41 -22.52
CA LEU D 11 5.03 17.33 -21.87
C LEU D 11 6.07 16.74 -22.81
N ASP D 12 5.72 16.60 -24.10
CA ASP D 12 6.67 16.06 -25.07
C ASP D 12 7.78 17.06 -25.38
N ARG D 13 7.43 18.35 -25.48
CA ARG D 13 8.46 19.37 -25.67
C ARG D 13 9.35 19.48 -24.44
N PHE D 14 8.79 19.29 -23.25
CA PHE D 14 9.64 19.20 -22.06
C PHE D 14 10.56 17.98 -22.14
N ALA D 15 9.99 16.82 -22.49
CA ALA D 15 10.81 15.60 -22.60
C ALA D 15 11.90 15.75 -23.65
N GLU D 16 11.68 16.59 -24.67
CA GLU D 16 12.73 16.87 -25.64
C GLU D 16 13.83 17.71 -25.03
N LYS D 17 13.45 18.70 -24.19
CA LYS D 17 14.45 19.57 -23.59
C LYS D 17 15.32 18.82 -22.59
N ILE D 18 14.71 18.10 -21.65
CA ILE D 18 15.51 17.40 -20.65
C ILE D 18 16.11 16.11 -21.19
N GLY D 19 15.55 15.56 -22.27
CA GLY D 19 16.10 14.38 -22.91
C GLY D 19 15.95 13.09 -22.14
N VAL D 20 14.70 12.66 -21.91
CA VAL D 20 14.44 11.35 -21.29
C VAL D 20 13.74 10.39 -22.23
N GLY D 21 13.26 10.86 -23.39
CA GLY D 21 12.45 10.05 -24.27
C GLY D 21 10.97 10.37 -24.11
N SER D 22 10.21 10.05 -25.15
CA SER D 22 8.77 10.33 -25.14
C SER D 22 8.08 9.58 -24.01
N ILE D 23 7.40 10.32 -23.15
CA ILE D 23 6.66 9.75 -22.03
C ILE D 23 5.23 10.29 -22.08
N SER D 24 4.29 9.50 -21.58
CA SER D 24 2.88 9.77 -21.74
C SER D 24 2.14 9.61 -20.41
N PHE D 25 0.96 10.23 -20.35
CA PHE D 25 0.06 10.03 -19.21
C PHE D 25 -0.62 8.67 -19.34
N ASN D 26 -0.80 8.00 -18.20
CA ASN D 26 -1.32 6.64 -18.20
C ASN D 26 -2.85 6.67 -18.07
N GLU D 27 -3.44 5.55 -17.60
CA GLU D 27 -4.89 5.44 -17.52
C GLU D 27 -5.47 6.47 -16.56
N ASN D 28 -4.81 6.69 -15.43
CA ASN D 28 -5.25 7.65 -14.42
C ASN D 28 -4.81 9.05 -14.74
N ARG D 29 -4.55 9.32 -16.01
CA ARG D 29 -3.96 10.59 -16.40
C ARG D 29 -2.74 10.92 -15.55
N LEU D 30 -1.89 9.93 -15.31
CA LEU D 30 -0.69 10.18 -14.51
C LEU D 30 0.57 9.82 -15.27
N CYS D 31 1.65 10.53 -14.94
CA CYS D 31 2.95 10.27 -15.52
C CYS D 31 4.01 10.42 -14.44
N SER D 32 4.96 9.49 -14.43
CA SER D 32 6.09 9.51 -13.52
C SER D 32 7.36 9.25 -14.30
N PHE D 33 8.41 10.00 -13.99
CA PHE D 33 9.65 9.94 -14.76
C PHE D 33 10.78 10.52 -13.94
N ALA D 34 12.01 10.17 -14.33
CA ALA D 34 13.20 10.62 -13.62
C ALA D 34 13.72 11.91 -14.24
N ILE D 35 13.86 12.94 -13.42
CA ILE D 35 14.40 14.22 -13.90
C ILE D 35 15.90 14.09 -14.18
N ASP D 36 16.66 13.73 -13.16
CA ASP D 36 18.08 13.52 -13.30
C ASP D 36 18.40 12.04 -13.03
N GLU D 37 19.64 11.79 -12.59
CA GLU D 37 20.07 10.41 -12.35
C GLU D 37 19.24 9.76 -11.25
N ILE D 38 18.75 10.54 -10.29
CA ILE D 38 17.84 10.02 -9.27
C ILE D 38 16.96 11.15 -8.74
N TYR D 39 15.78 11.31 -9.34
CA TYR D 39 14.74 12.22 -8.88
C TYR D 39 13.44 11.91 -9.60
N TYR D 40 12.46 11.37 -8.88
CA TYR D 40 11.22 10.89 -9.47
C TYR D 40 10.12 11.92 -9.26
N ILE D 41 9.68 12.54 -10.35
CA ILE D 41 8.62 13.54 -10.34
C ILE D 41 7.41 12.97 -11.07
N SER D 42 6.23 13.21 -10.52
CA SER D 42 4.98 12.83 -11.16
C SER D 42 4.23 14.07 -11.64
N LEU D 43 3.54 13.93 -12.77
CA LEU D 43 2.80 15.03 -13.38
C LEU D 43 1.37 14.60 -13.68
N SER D 44 0.44 15.54 -13.52
CA SER D 44 -0.99 15.28 -13.67
C SER D 44 -1.58 16.31 -14.62
N ASP D 45 -2.39 15.82 -15.56
CA ASP D 45 -3.10 16.61 -16.57
C ASP D 45 -4.57 16.27 -16.35
N ALA D 46 -5.22 16.99 -15.44
CA ALA D 46 -6.63 16.79 -15.16
C ALA D 46 -7.49 17.92 -15.72
N ASN D 47 -7.06 19.16 -15.53
CA ASN D 47 -7.80 20.33 -15.98
C ASN D 47 -7.03 21.03 -17.08
N ASP D 48 -7.77 21.59 -18.05
CA ASP D 48 -7.17 22.23 -19.22
C ASP D 48 -6.26 23.39 -18.86
N GLU D 49 -6.43 23.98 -17.67
CA GLU D 49 -5.63 25.13 -17.27
C GLU D 49 -4.46 24.76 -16.37
N TYR D 50 -4.57 23.71 -15.56
CA TYR D 50 -3.55 23.41 -14.56
C TYR D 50 -3.07 21.97 -14.67
N MET D 51 -1.75 21.81 -14.53
CA MET D 51 -1.12 20.53 -14.27
C MET D 51 -0.65 20.49 -12.82
N MET D 52 -0.49 19.27 -12.31
CA MET D 52 -0.09 19.04 -10.92
C MET D 52 1.26 18.35 -10.89
N ILE D 53 2.22 18.97 -10.20
CA ILE D 53 3.53 18.37 -9.97
C ILE D 53 3.52 17.69 -8.61
N TYR D 54 4.00 16.45 -8.56
CA TYR D 54 4.00 15.69 -7.32
C TYR D 54 5.41 15.17 -7.05
N GLY D 55 5.81 15.24 -5.78
CA GLY D 55 7.07 14.66 -5.35
C GLY D 55 6.90 13.82 -4.10
N VAL D 56 7.27 12.55 -4.16
CA VAL D 56 7.12 11.64 -3.02
C VAL D 56 8.34 11.76 -2.14
N CYS D 57 8.12 12.09 -0.87
CA CYS D 57 9.21 12.14 0.09
C CYS D 57 9.46 10.80 0.76
N GLY D 58 8.48 9.91 0.79
CA GLY D 58 8.65 8.61 1.39
C GLY D 58 7.37 8.16 2.05
N LYS D 59 7.47 7.07 2.81
CA LYS D 59 6.34 6.52 3.52
C LYS D 59 6.06 7.35 4.77
N PHE D 60 4.79 7.68 4.98
CA PHE D 60 4.40 8.45 6.16
C PHE D 60 4.58 7.57 7.40
N PRO D 61 5.43 7.95 8.35
CA PRO D 61 5.70 7.06 9.49
C PRO D 61 4.45 6.85 10.34
N THR D 62 4.16 5.58 10.62
CA THR D 62 3.02 5.20 11.43
C THR D 62 3.37 5.04 12.90
N ASP D 63 4.58 5.44 13.29
CA ASP D 63 5.03 5.29 14.68
C ASP D 63 4.81 6.55 15.51
N ASN D 64 4.66 7.72 14.88
CA ASN D 64 4.51 8.94 15.65
C ASN D 64 3.43 9.84 15.05
N PRO D 65 2.26 9.96 15.70
CA PRO D 65 1.25 10.91 15.22
C PRO D 65 1.68 12.36 15.36
N ASN D 66 2.61 12.67 16.28
CA ASN D 66 3.14 14.02 16.36
C ASN D 66 3.85 14.43 15.08
N PHE D 67 4.32 13.46 14.29
CA PHE D 67 4.98 13.80 13.03
C PHE D 67 4.00 14.44 12.06
N ALA D 68 2.76 13.96 12.04
CA ALA D 68 1.75 14.59 11.20
C ALA D 68 1.49 16.03 11.64
N LEU D 69 1.49 16.29 12.96
CA LEU D 69 1.31 17.64 13.45
C LEU D 69 2.42 18.56 12.97
N GLU D 70 3.66 18.06 12.96
CA GLU D 70 4.81 18.85 12.55
C GLU D 70 4.79 19.13 11.04
N ILE D 71 4.38 18.14 10.25
CA ILE D 71 4.19 18.37 8.82
C ILE D 71 3.13 19.44 8.60
N LEU D 72 1.99 19.32 9.30
CA LEU D 72 0.95 20.34 9.21
C LEU D 72 1.49 21.71 9.61
N ASN D 73 2.31 21.77 10.67
CA ASN D 73 2.87 23.04 11.11
C ASN D 73 3.88 23.59 10.12
N ALA D 74 4.61 22.70 9.43
CA ALA D 74 5.49 23.13 8.35
C ALA D 74 4.74 23.75 7.19
N ASN D 75 3.43 23.49 7.07
CA ASN D 75 2.66 24.03 5.95
C ASN D 75 2.47 25.53 6.09
N LEU D 76 2.53 26.05 7.33
CA LEU D 76 2.44 27.49 7.55
C LEU D 76 3.50 28.23 6.74
N TRP D 77 4.73 27.74 6.80
CA TRP D 77 5.85 28.39 6.13
C TRP D 77 5.92 28.03 4.66
N PHE D 78 5.50 26.82 4.30
CA PHE D 78 5.34 26.50 2.89
C PHE D 78 4.27 27.38 2.25
N ALA D 79 3.33 27.88 3.06
CA ALA D 79 2.36 28.84 2.56
C ALA D 79 2.96 30.25 2.44
N GLU D 80 3.82 30.64 3.39
CA GLU D 80 4.47 31.94 3.28
C GLU D 80 5.27 32.05 2.00
N ASN D 81 6.01 31.00 1.65
CA ASN D 81 6.60 30.90 0.33
C ASN D 81 5.54 30.44 -0.67
N GLY D 82 5.87 30.54 -1.95
CA GLY D 82 4.95 30.01 -2.95
C GLY D 82 5.10 28.50 -3.12
N GLY D 83 5.71 27.85 -2.12
CA GLY D 83 6.13 26.49 -2.25
C GLY D 83 4.98 25.52 -2.35
N PRO D 84 5.31 24.24 -2.52
CA PRO D 84 4.28 23.21 -2.66
C PRO D 84 3.57 22.95 -1.34
N TYR D 85 2.47 22.21 -1.44
CA TYR D 85 1.68 21.84 -0.28
C TYR D 85 2.19 20.52 0.28
N LEU D 86 2.37 20.45 1.59
CA LEU D 86 2.66 19.17 2.24
C LEU D 86 1.37 18.37 2.36
N CYS D 87 1.34 17.17 1.79
CA CYS D 87 0.13 16.37 1.71
C CYS D 87 0.42 14.94 2.15
N TYR D 88 -0.67 14.21 2.40
CA TYR D 88 -0.62 12.78 2.69
C TYR D 88 -1.51 12.05 1.69
N GLU D 89 -0.91 11.21 0.87
CA GLU D 89 -1.66 10.42 -0.11
C GLU D 89 -2.06 9.12 0.58
N SER D 90 -3.37 8.92 0.78
CA SER D 90 -3.84 7.82 1.61
C SER D 90 -3.69 6.47 0.92
N GLY D 91 -3.81 6.43 -0.40
CA GLY D 91 -3.71 5.16 -1.11
C GLY D 91 -2.35 4.53 -0.98
N ALA D 92 -1.29 5.34 -1.03
CA ALA D 92 0.07 4.88 -0.87
C ALA D 92 0.62 5.15 0.53
N GLN D 93 -0.16 5.82 1.39
CA GLN D 93 0.28 6.19 2.74
C GLN D 93 1.59 6.96 2.71
N SER D 94 1.74 7.83 1.70
CA SER D 94 3.00 8.49 1.41
C SER D 94 2.92 9.98 1.69
N LEU D 95 4.08 10.58 1.95
CA LEU D 95 4.22 12.01 2.13
C LEU D 95 4.41 12.65 0.75
N LEU D 96 3.50 13.56 0.40
CA LEU D 96 3.47 14.17 -0.92
C LEU D 96 3.79 15.66 -0.83
N LEU D 97 4.46 16.15 -1.87
CA LEU D 97 4.58 17.58 -2.12
C LEU D 97 3.86 17.88 -3.43
N ALA D 98 2.85 18.74 -3.38
CA ALA D 98 2.00 19.03 -4.52
C ALA D 98 2.10 20.49 -4.88
N LEU D 99 2.32 20.77 -6.16
CA LEU D 99 2.44 22.12 -6.68
C LEU D 99 1.65 22.21 -7.97
N ARG D 100 0.91 23.29 -8.14
CA ARG D 100 0.05 23.48 -9.31
C ARG D 100 0.78 24.30 -10.36
N PHE D 101 0.67 23.87 -11.62
CA PHE D 101 1.38 24.51 -12.72
C PHE D 101 0.37 25.03 -13.74
N PRO D 102 0.28 26.34 -13.95
CA PRO D 102 -0.67 26.86 -14.95
C PRO D 102 -0.19 26.62 -16.37
N LEU D 103 -1.13 26.30 -17.24
CA LEU D 103 -0.80 26.05 -18.64
C LEU D 103 -0.82 27.31 -19.51
N ASP D 104 -1.42 28.40 -19.03
CA ASP D 104 -1.35 29.65 -19.77
C ASP D 104 0.05 30.24 -19.68
N ASP D 105 0.58 30.68 -20.83
CA ASP D 105 1.94 31.20 -20.95
C ASP D 105 2.99 30.18 -20.50
N ALA D 106 2.64 28.89 -20.52
CA ALA D 106 3.52 27.86 -19.99
C ALA D 106 4.60 27.50 -21.01
N THR D 107 5.84 27.43 -20.53
CA THR D 107 7.00 27.03 -21.31
C THR D 107 7.69 25.87 -20.62
N PRO D 108 8.44 25.05 -21.37
CA PRO D 108 9.23 24.00 -20.71
C PRO D 108 10.25 24.55 -19.72
N GLU D 109 10.69 25.80 -19.90
CA GLU D 109 11.58 26.43 -18.93
C GLU D 109 10.87 26.62 -17.60
N LYS D 110 9.63 27.13 -17.63
CA LYS D 110 8.87 27.30 -16.41
C LYS D 110 8.58 25.97 -15.74
N LEU D 111 8.15 24.97 -16.52
CA LEU D 111 7.87 23.66 -15.95
C LEU D 111 9.09 23.08 -15.26
N GLU D 112 10.27 23.22 -15.88
CA GLU D 112 11.49 22.67 -15.30
C GLU D 112 11.84 23.36 -13.98
N ASN D 113 11.65 24.68 -13.92
CA ASN D 113 11.98 25.42 -12.71
C ASN D 113 10.93 25.20 -11.61
N GLU D 114 9.66 25.00 -11.99
CA GLU D 114 8.65 24.63 -11.00
C GLU D 114 8.92 23.23 -10.45
N ILE D 115 9.34 22.31 -11.31
CA ILE D 115 9.79 21.00 -10.84
C ILE D 115 11.00 21.16 -9.93
N GLU D 116 11.87 22.12 -10.24
CA GLU D 116 13.00 22.39 -9.36
C GLU D 116 12.57 22.96 -8.02
N VAL D 117 11.46 23.70 -7.99
CA VAL D 117 10.93 24.18 -6.71
C VAL D 117 10.51 23.00 -5.85
N VAL D 118 9.85 22.01 -6.47
CA VAL D 118 9.42 20.82 -5.74
C VAL D 118 10.63 20.06 -5.20
N VAL D 119 11.67 19.87 -6.02
CA VAL D 119 12.81 19.07 -5.58
C VAL D 119 13.60 19.80 -4.50
N LYS D 120 13.70 21.13 -4.58
CA LYS D 120 14.34 21.88 -3.51
C LYS D 120 13.61 21.68 -2.19
N SER D 121 12.28 21.67 -2.24
CA SER D 121 11.49 21.44 -1.03
C SER D 121 11.69 20.03 -0.50
N MET D 122 11.75 19.04 -1.39
CA MET D 122 12.05 17.67 -0.96
C MET D 122 13.39 17.61 -0.26
N GLU D 123 14.42 18.24 -0.83
CA GLU D 123 15.75 18.21 -0.23
C GLU D 123 15.74 18.86 1.15
N ASN D 124 15.10 20.02 1.27
CA ASN D 124 15.01 20.69 2.56
C ASN D 124 14.28 19.83 3.59
N LEU D 125 13.23 19.14 3.16
CA LEU D 125 12.53 18.20 4.04
C LEU D 125 13.47 17.09 4.50
N TYR D 126 14.16 16.45 3.56
CA TYR D 126 15.14 15.42 3.92
C TYR D 126 16.19 15.98 4.87
N LEU D 127 16.68 17.18 4.58
CA LEU D 127 17.70 17.80 5.42
C LEU D 127 17.18 18.05 6.82
N VAL D 128 15.95 18.59 6.93
CA VAL D 128 15.40 18.92 8.23
C VAL D 128 15.16 17.65 9.05
N LEU D 129 14.62 16.61 8.42
CA LEU D 129 14.42 15.35 9.11
C LEU D 129 15.76 14.72 9.51
N HIS D 130 16.77 14.84 8.65
CA HIS D 130 18.08 14.28 8.97
C HIS D 130 18.68 14.93 10.21
N ASN D 131 18.55 16.25 10.34
CA ASN D 131 19.17 16.96 11.45
C ASN D 131 18.54 16.66 12.80
N GLN D 132 17.32 16.10 12.81
CA GLN D 132 16.69 15.67 14.05
C GLN D 132 16.57 14.15 14.14
N GLY D 133 17.33 13.42 13.31
CA GLY D 133 17.46 11.99 13.47
C GLY D 133 16.29 11.16 12.94
N ILE D 134 15.68 11.58 11.83
CA ILE D 134 14.52 10.91 11.27
C ILE D 134 14.81 10.59 9.82
N THR D 135 14.50 9.36 9.40
CA THR D 135 14.64 8.93 8.01
C THR D 135 13.30 8.38 7.55
N LEU D 136 12.76 8.96 6.48
CA LEU D 136 11.54 8.45 5.89
C LEU D 136 11.84 7.22 5.04
N GLU D 137 10.99 6.21 5.18
CA GLU D 137 11.27 4.98 4.47
C GLU D 137 10.85 5.28 3.08
N ASN D 138 11.85 5.70 2.30
CA ASN D 138 11.57 6.06 0.96
C ASN D 138 11.02 4.82 0.34
N GLU D 139 9.82 5.00 -0.19
CA GLU D 139 9.06 4.00 -0.91
C GLU D 139 7.92 4.69 -1.65
N HIS D 140 7.29 3.94 -2.56
CA HIS D 140 6.24 4.48 -3.43
C HIS D 140 6.75 5.68 -4.21
N MET D 141 8.02 5.61 -4.63
CA MET D 141 8.61 6.71 -5.38
C MET D 141 7.88 6.95 -6.70
N LYS D 142 7.22 5.93 -7.22
CA LYS D 142 6.34 6.07 -8.37
C LYS D 142 4.94 6.38 -7.89
N ILE D 143 4.26 7.28 -8.60
CA ILE D 143 2.85 7.55 -8.32
C ILE D 143 2.00 6.97 -9.42
N GLU D 144 1.51 5.74 -9.20
CA GLU D 144 0.68 5.09 -10.20
C GLU D 144 -0.77 5.54 -10.11
N GLU D 145 -1.25 5.85 -8.91
CA GLU D 145 -2.64 6.21 -8.70
C GLU D 145 -2.74 7.20 -7.53
N ILE D 146 -3.68 8.13 -7.66
CA ILE D 146 -4.01 9.08 -6.60
C ILE D 146 -5.39 8.72 -6.08
N SER D 147 -5.45 8.27 -4.82
CA SER D 147 -6.73 7.96 -4.21
C SER D 147 -7.54 9.22 -4.03
N SER D 148 -8.80 9.18 -4.45
CA SER D 148 -9.66 10.35 -4.46
C SER D 148 -10.60 10.35 -3.26
N SER D 149 -11.17 11.53 -3.00
CA SER D 149 -12.15 11.70 -1.93
C SER D 149 -13.35 12.45 -2.47
N ASP D 150 -14.54 12.08 -1.99
CA ASP D 150 -15.76 12.75 -2.41
C ASP D 150 -15.84 14.19 -1.92
N ASN D 151 -15.00 14.58 -0.96
CA ASN D 151 -14.94 15.95 -0.47
C ASN D 151 -13.99 16.82 -1.28
N LYS D 152 -13.51 16.32 -2.42
CA LYS D 152 -12.52 17.04 -3.21
C LYS D 152 -12.99 18.44 -3.56
N HIS D 153 -14.22 18.57 -4.05
CA HIS D 153 -14.70 19.87 -4.50
C HIS D 153 -15.01 20.82 -3.34
N TYR D 154 -15.09 20.32 -2.11
CA TYR D 154 -15.26 21.21 -0.97
C TYR D 154 -13.96 21.84 -0.52
N TYR D 155 -12.81 21.24 -0.85
CA TYR D 155 -11.52 21.76 -0.42
C TYR D 155 -11.08 22.87 -1.36
N ALA D 156 -11.78 24.00 -1.25
CA ALA D 156 -11.51 25.16 -2.10
C ALA D 156 -12.14 26.39 -1.47
N GLY D 157 -11.76 27.55 -2.01
CA GLY D 157 -12.31 28.82 -1.57
C GLY D 157 -13.36 29.36 -2.51
N ARG D 158 -14.25 28.48 -2.97
CA ARG D 158 -15.34 28.87 -3.85
C ARG D 158 -16.41 27.77 -3.91
N PRO E 2 -22.56 -20.59 -14.92
CA PRO E 2 -23.57 -19.87 -15.70
C PRO E 2 -24.33 -18.84 -14.89
N LEU E 3 -23.66 -18.21 -13.92
CA LEU E 3 -24.30 -17.24 -13.04
C LEU E 3 -23.79 -15.81 -13.26
N GLY E 4 -22.93 -15.59 -14.25
CA GLY E 4 -22.46 -14.24 -14.51
C GLY E 4 -21.72 -13.67 -13.32
N SER E 5 -21.80 -12.34 -13.19
CA SER E 5 -21.12 -11.65 -12.10
C SER E 5 -21.76 -11.89 -10.72
N MET E 6 -22.68 -12.83 -10.55
CA MET E 6 -23.30 -13.03 -9.25
C MET E 6 -22.27 -13.55 -8.26
N LEU E 7 -22.22 -12.95 -7.07
CA LEU E 7 -21.39 -13.43 -5.99
C LEU E 7 -22.15 -14.51 -5.22
N ILE E 8 -21.47 -15.61 -4.93
CA ILE E 8 -22.11 -16.80 -4.37
C ILE E 8 -21.40 -17.16 -3.06
N LEU E 9 -22.19 -17.42 -2.01
CA LEU E 9 -21.63 -17.86 -0.75
C LEU E 9 -22.66 -18.69 0.00
N THR E 10 -22.16 -19.63 0.80
CA THR E 10 -23.01 -20.52 1.57
C THR E 10 -23.22 -19.97 2.98
N ARG E 11 -24.45 -20.06 3.47
CA ARG E 11 -24.77 -19.64 4.83
C ARG E 11 -25.55 -20.74 5.53
N ARG E 12 -25.08 -21.16 6.69
CA ARG E 12 -25.83 -22.09 7.51
C ARG E 12 -26.91 -21.34 8.27
N VAL E 13 -27.87 -22.09 8.80
CA VAL E 13 -28.91 -21.51 9.65
C VAL E 13 -28.24 -20.85 10.85
N GLY E 14 -28.49 -19.55 11.02
CA GLY E 14 -27.87 -18.77 12.07
C GLY E 14 -26.66 -17.97 11.64
N GLU E 15 -26.23 -18.10 10.39
CA GLU E 15 -25.12 -17.34 9.85
C GLU E 15 -25.63 -16.15 9.07
N THR E 16 -24.87 -15.05 9.12
CA THR E 16 -25.32 -13.75 8.61
C THR E 16 -24.46 -13.30 7.44
N LEU E 17 -25.09 -12.58 6.52
CA LEU E 17 -24.44 -12.06 5.32
C LEU E 17 -24.50 -10.54 5.36
N MET E 18 -23.36 -9.88 5.16
CA MET E 18 -23.29 -8.43 5.14
C MET E 18 -23.23 -7.92 3.71
N ILE E 19 -24.01 -6.87 3.42
CA ILE E 19 -23.98 -6.19 2.13
C ILE E 19 -23.82 -4.70 2.39
N GLY E 20 -22.68 -4.15 2.00
CA GLY E 20 -22.45 -2.75 2.31
C GLY E 20 -22.27 -2.55 3.80
N ASP E 21 -22.57 -1.34 4.26
CA ASP E 21 -22.45 -1.05 5.69
C ASP E 21 -23.79 -1.10 6.43
N GLU E 22 -24.91 -1.18 5.71
CA GLU E 22 -26.23 -0.97 6.30
C GLU E 22 -27.17 -2.15 6.18
N VAL E 23 -26.78 -3.22 5.47
CA VAL E 23 -27.66 -4.32 5.13
C VAL E 23 -27.06 -5.62 5.65
N THR E 24 -27.88 -6.45 6.28
CA THR E 24 -27.50 -7.79 6.68
C THR E 24 -28.61 -8.77 6.33
N VAL E 25 -28.22 -9.99 5.99
CA VAL E 25 -29.14 -11.05 5.58
C VAL E 25 -28.79 -12.28 6.40
N THR E 26 -29.76 -12.78 7.17
CA THR E 26 -29.53 -13.89 8.10
C THR E 26 -30.42 -15.07 7.75
N VAL E 27 -29.82 -16.26 7.69
CA VAL E 27 -30.58 -17.49 7.46
C VAL E 27 -31.17 -17.92 8.79
N LEU E 28 -32.50 -17.84 8.91
CA LEU E 28 -33.17 -18.13 10.17
C LEU E 28 -33.67 -19.55 10.27
N GLY E 29 -34.09 -20.15 9.16
CA GLY E 29 -34.61 -21.50 9.19
C GLY E 29 -34.69 -22.07 7.80
N VAL E 30 -34.80 -23.40 7.73
CA VAL E 30 -34.80 -24.13 6.47
C VAL E 30 -35.79 -25.27 6.58
N LYS E 31 -36.65 -25.42 5.58
CA LYS E 31 -37.47 -26.62 5.44
C LYS E 31 -37.65 -26.89 3.95
N GLY E 32 -37.22 -28.06 3.50
CA GLY E 32 -37.34 -28.39 2.10
C GLY E 32 -36.49 -27.49 1.24
N ASN E 33 -37.10 -26.89 0.23
CA ASN E 33 -36.45 -25.90 -0.62
C ASN E 33 -36.77 -24.48 -0.19
N GLN E 34 -37.39 -24.29 0.96
CA GLN E 34 -37.78 -22.98 1.45
C GLN E 34 -36.84 -22.54 2.56
N VAL E 35 -36.58 -21.23 2.62
CA VAL E 35 -35.69 -20.63 3.60
C VAL E 35 -36.39 -19.46 4.26
N ARG E 36 -36.23 -19.35 5.57
CA ARG E 36 -36.66 -18.17 6.31
C ARG E 36 -35.48 -17.21 6.43
N ILE E 37 -35.68 -15.96 6.00
CA ILE E 37 -34.61 -14.97 5.89
C ILE E 37 -34.97 -13.78 6.77
N GLY E 38 -33.98 -13.30 7.53
CA GLY E 38 -34.10 -12.06 8.28
C GLY E 38 -33.25 -10.99 7.62
N VAL E 39 -33.84 -9.82 7.41
CA VAL E 39 -33.21 -8.73 6.68
C VAL E 39 -33.21 -7.48 7.56
N ASN E 40 -32.05 -6.83 7.66
CA ASN E 40 -31.90 -5.56 8.35
C ASN E 40 -31.41 -4.52 7.34
N ALA E 41 -32.21 -3.48 7.14
CA ALA E 41 -31.86 -2.45 6.17
C ALA E 41 -32.68 -1.19 6.47
N PRO E 42 -32.19 -0.01 6.12
CA PRO E 42 -32.95 1.24 6.34
C PRO E 42 -34.02 1.48 5.29
N GLY F 8 -36.50 -11.26 18.14
CA GLY F 8 -36.62 -10.08 17.31
C GLY F 8 -35.26 -9.43 17.07
N GLY F 9 -34.40 -10.13 16.34
CA GLY F 9 -33.08 -9.61 15.99
C GLY F 9 -33.04 -8.97 14.62
N SER F 10 -33.88 -9.44 13.70
CA SER F 10 -33.97 -8.90 12.35
C SER F 10 -35.27 -8.13 12.19
N MET F 11 -35.22 -7.04 11.42
CA MET F 11 -36.37 -6.15 11.29
C MET F 11 -37.43 -6.69 10.34
N LEU F 12 -37.01 -7.41 9.29
CA LEU F 12 -37.91 -7.96 8.30
C LEU F 12 -37.66 -9.46 8.18
N ILE F 13 -38.71 -10.24 8.38
CA ILE F 13 -38.65 -11.69 8.27
C ILE F 13 -39.49 -12.12 7.07
N LEU F 14 -38.94 -12.99 6.23
CA LEU F 14 -39.67 -13.46 5.06
C LEU F 14 -39.15 -14.83 4.65
N THR F 15 -39.88 -15.46 3.73
CA THR F 15 -39.57 -16.78 3.23
C THR F 15 -39.38 -16.72 1.72
N ARG F 16 -38.38 -17.45 1.22
CA ARG F 16 -38.15 -17.56 -0.21
C ARG F 16 -37.78 -19.01 -0.53
N ARG F 17 -38.22 -19.48 -1.69
CA ARG F 17 -37.89 -20.83 -2.14
C ARG F 17 -36.70 -20.80 -3.09
N VAL F 18 -36.13 -21.98 -3.31
CA VAL F 18 -34.98 -22.11 -4.22
C VAL F 18 -35.35 -21.56 -5.58
N GLY F 19 -34.49 -20.71 -6.13
CA GLY F 19 -34.75 -20.05 -7.39
C GLY F 19 -35.54 -18.76 -7.27
N GLU F 20 -35.96 -18.38 -6.08
CA GLU F 20 -36.67 -17.13 -5.88
C GLU F 20 -35.70 -16.01 -5.50
N THR F 21 -36.20 -14.79 -5.50
CA THR F 21 -35.35 -13.61 -5.41
C THR F 21 -35.88 -12.63 -4.38
N LEU F 22 -34.96 -12.00 -3.64
CA LEU F 22 -35.30 -10.96 -2.69
C LEU F 22 -34.44 -9.74 -2.99
N MET F 23 -35.07 -8.57 -3.08
CA MET F 23 -34.38 -7.34 -3.41
C MET F 23 -34.30 -6.43 -2.19
N ILE F 24 -33.12 -5.85 -1.99
CA ILE F 24 -32.89 -4.85 -0.96
C ILE F 24 -32.57 -3.55 -1.70
N GLY F 25 -33.46 -2.57 -1.60
CA GLY F 25 -33.31 -1.43 -2.48
C GLY F 25 -33.58 -1.84 -3.92
N ASP F 26 -32.95 -1.13 -4.84
CA ASP F 26 -33.09 -1.45 -6.27
C ASP F 26 -31.75 -1.73 -6.93
N GLU F 27 -30.68 -1.90 -6.17
CA GLU F 27 -29.38 -2.23 -6.72
C GLU F 27 -28.79 -3.52 -6.16
N VAL F 28 -29.49 -4.20 -5.24
CA VAL F 28 -29.01 -5.43 -4.63
C VAL F 28 -30.08 -6.49 -4.80
N THR F 29 -29.68 -7.67 -5.27
CA THR F 29 -30.59 -8.80 -5.42
C THR F 29 -30.00 -10.01 -4.71
N VAL F 30 -30.80 -10.66 -3.87
CA VAL F 30 -30.40 -11.87 -3.17
C VAL F 30 -31.18 -13.04 -3.76
N THR F 31 -30.45 -14.06 -4.20
CA THR F 31 -31.04 -15.23 -4.84
C THR F 31 -30.78 -16.47 -3.98
N VAL F 32 -31.82 -17.25 -3.74
CA VAL F 32 -31.67 -18.53 -3.06
C VAL F 32 -31.33 -19.57 -4.12
N LEU F 33 -30.05 -19.95 -4.19
CA LEU F 33 -29.59 -20.80 -5.28
C LEU F 33 -29.87 -22.27 -5.02
N GLY F 34 -29.65 -22.72 -3.80
CA GLY F 34 -29.89 -24.11 -3.46
C GLY F 34 -29.94 -24.32 -1.97
N VAL F 35 -30.62 -25.38 -1.56
CA VAL F 35 -30.72 -25.78 -0.16
C VAL F 35 -30.25 -27.22 -0.04
N LYS F 36 -29.37 -27.47 0.94
CA LYS F 36 -28.91 -28.82 1.23
C LYS F 36 -28.66 -28.92 2.72
N GLY F 37 -29.51 -29.68 3.42
CA GLY F 37 -29.38 -29.74 4.86
C GLY F 37 -29.81 -28.43 5.48
N ASN F 38 -28.94 -27.86 6.31
CA ASN F 38 -29.21 -26.57 6.96
C ASN F 38 -28.36 -25.44 6.39
N GLN F 39 -27.67 -25.67 5.28
CA GLN F 39 -26.88 -24.64 4.62
C GLN F 39 -27.53 -24.25 3.29
N VAL F 40 -27.55 -22.96 2.99
CA VAL F 40 -28.20 -22.42 1.82
C VAL F 40 -27.14 -21.78 0.92
N ARG F 41 -27.19 -22.08 -0.37
CA ARG F 41 -26.42 -21.32 -1.35
C ARG F 41 -27.14 -20.01 -1.65
N ILE F 42 -26.43 -18.90 -1.48
CA ILE F 42 -27.02 -17.57 -1.65
C ILE F 42 -26.23 -16.85 -2.73
N GLY F 43 -26.95 -16.21 -3.65
CA GLY F 43 -26.36 -15.37 -4.67
C GLY F 43 -26.65 -13.91 -4.38
N VAL F 44 -25.67 -13.05 -4.69
CA VAL F 44 -25.78 -11.62 -4.46
C VAL F 44 -25.33 -10.88 -5.71
N ASN F 45 -26.23 -10.09 -6.29
CA ASN F 45 -25.88 -9.13 -7.34
C ASN F 45 -25.85 -7.75 -6.70
N ALA F 46 -24.70 -7.08 -6.77
CA ALA F 46 -24.54 -5.80 -6.09
C ALA F 46 -23.52 -4.97 -6.85
N PRO F 47 -23.56 -3.64 -6.71
CA PRO F 47 -22.56 -2.80 -7.36
C PRO F 47 -21.15 -3.14 -6.90
N LYS F 48 -20.17 -2.82 -7.75
CA LYS F 48 -18.80 -3.23 -7.49
C LYS F 48 -18.24 -2.57 -6.25
N GLU F 49 -18.72 -1.37 -5.90
CA GLU F 49 -18.25 -0.69 -4.70
C GLU F 49 -18.91 -1.18 -3.44
N VAL F 50 -20.07 -1.84 -3.55
CA VAL F 50 -20.73 -2.42 -2.39
C VAL F 50 -19.97 -3.68 -1.97
N SER F 51 -19.45 -3.68 -0.75
CA SER F 51 -18.71 -4.82 -0.26
C SER F 51 -19.65 -5.87 0.32
N VAL F 52 -19.25 -7.14 0.19
CA VAL F 52 -20.02 -8.27 0.70
C VAL F 52 -19.11 -9.08 1.61
N HIS F 53 -19.60 -9.40 2.81
CA HIS F 53 -18.81 -10.07 3.83
C HIS F 53 -19.59 -11.18 4.50
N ARG F 54 -18.89 -12.27 4.83
CA ARG F 54 -19.39 -13.15 5.87
C ARG F 54 -19.22 -12.44 7.20
N GLU F 55 -20.32 -12.32 7.96
CA GLU F 55 -20.32 -11.43 9.12
C GLU F 55 -19.29 -11.83 10.16
N GLU F 56 -19.05 -13.14 10.33
CA GLU F 56 -18.09 -13.59 11.34
C GLU F 56 -16.66 -13.27 10.92
N ILE F 57 -16.36 -13.32 9.63
CA ILE F 57 -15.03 -12.95 9.16
C ILE F 57 -14.82 -11.45 9.28
N TYR F 58 -15.88 -10.67 9.02
CA TYR F 58 -15.78 -9.22 9.19
C TYR F 58 -15.58 -8.85 10.65
N GLN F 59 -16.21 -9.59 11.57
CA GLN F 59 -16.05 -9.32 12.99
C GLN F 59 -14.61 -9.53 13.43
N ARG F 60 -13.94 -10.55 12.87
CA ARG F 60 -12.55 -10.82 13.22
C ARG F 60 -11.59 -9.87 12.51
N ILE F 61 -11.98 -9.36 11.33
CA ILE F 61 -11.24 -8.25 10.75
C ILE F 61 -11.31 -7.04 11.66
N GLN F 62 -12.42 -6.86 12.37
CA GLN F 62 -12.49 -5.84 13.41
C GLN F 62 -11.72 -6.24 14.66
N ALA F 63 -11.58 -7.56 14.90
CA ALA F 63 -10.83 -8.02 16.07
C ALA F 63 -9.36 -7.68 15.97
N GLU F 64 -8.81 -7.61 14.75
CA GLU F 64 -7.48 -7.05 14.52
C GLU F 64 -7.61 -5.54 14.67
N LYS F 65 -7.54 -5.10 15.92
CA LYS F 65 -7.78 -3.70 16.27
C LYS F 65 -6.62 -2.82 15.80
N PRO G 2 26.29 -14.90 2.04
CA PRO G 2 27.69 -15.12 2.43
C PRO G 2 28.49 -15.88 1.38
N LEU G 3 27.84 -16.77 0.64
CA LEU G 3 28.48 -17.55 -0.42
C LEU G 3 28.15 -17.03 -1.81
N GLY G 4 27.56 -15.83 -1.91
CA GLY G 4 27.31 -15.25 -3.22
C GLY G 4 26.34 -16.06 -4.05
N SER G 5 26.67 -16.22 -5.33
CA SER G 5 25.83 -16.95 -6.27
C SER G 5 26.16 -18.43 -6.32
N MET G 6 26.86 -18.95 -5.31
CA MET G 6 27.21 -20.36 -5.28
C MET G 6 25.97 -21.21 -5.04
N LEU G 7 25.73 -22.18 -5.92
CA LEU G 7 24.63 -23.12 -5.77
C LEU G 7 25.04 -24.23 -4.81
N ILE G 8 24.27 -24.43 -3.76
CA ILE G 8 24.59 -25.38 -2.70
C ILE G 8 23.66 -26.58 -2.82
N LEU G 9 24.25 -27.77 -2.97
CA LEU G 9 23.51 -29.01 -3.03
C LEU G 9 24.01 -29.98 -1.97
N THR G 10 23.17 -30.97 -1.67
CA THR G 10 23.53 -32.06 -0.78
C THR G 10 23.63 -33.34 -1.58
N ARG G 11 24.72 -34.08 -1.37
CA ARG G 11 24.94 -35.34 -2.09
C ARG G 11 25.43 -36.38 -1.11
N ARG G 12 24.71 -37.49 -1.00
CA ARG G 12 25.15 -38.60 -0.18
C ARG G 12 26.11 -39.48 -0.96
N VAL G 13 26.85 -40.30 -0.22
CA VAL G 13 27.75 -41.30 -0.79
C VAL G 13 27.00 -42.11 -1.85
N GLY G 14 27.45 -42.02 -3.10
CA GLY G 14 26.82 -42.73 -4.19
C GLY G 14 25.93 -41.87 -5.06
N GLU G 15 25.65 -40.65 -4.65
CA GLU G 15 24.83 -39.74 -5.43
C GLU G 15 25.71 -38.94 -6.38
N THR G 16 25.10 -38.50 -7.49
CA THR G 16 25.85 -37.89 -8.59
C THR G 16 25.27 -36.53 -8.90
N LEU G 17 26.15 -35.64 -9.40
CA LEU G 17 25.82 -34.27 -9.71
C LEU G 17 26.17 -34.00 -11.16
N MET G 18 25.20 -33.50 -11.92
CA MET G 18 25.41 -33.18 -13.33
C MET G 18 25.78 -31.71 -13.48
N ILE G 19 26.78 -31.45 -14.31
CA ILE G 19 27.21 -30.10 -14.64
C ILE G 19 27.29 -30.02 -16.16
N GLY G 20 26.48 -29.16 -16.77
CA GLY G 20 26.51 -29.17 -18.21
C GLY G 20 25.94 -30.46 -18.77
N ASP G 21 26.32 -30.76 -20.01
CA ASP G 21 25.77 -31.93 -20.68
C ASP G 21 26.63 -33.19 -20.53
N GLU G 22 27.93 -33.06 -20.24
CA GLU G 22 28.82 -34.21 -20.24
C GLU G 22 29.70 -34.34 -19.00
N VAL G 23 29.51 -33.49 -17.99
CA VAL G 23 30.28 -33.55 -16.76
C VAL G 23 29.39 -34.09 -15.65
N THR G 24 29.88 -35.10 -14.93
CA THR G 24 29.21 -35.62 -13.76
C THR G 24 30.20 -35.75 -12.61
N VAL G 25 29.70 -35.50 -11.40
CA VAL G 25 30.50 -35.57 -10.18
C VAL G 25 29.81 -36.52 -9.23
N THR G 26 30.53 -37.55 -8.77
CA THR G 26 29.96 -38.54 -7.87
C THR G 26 30.71 -38.54 -6.55
N VAL G 27 29.96 -38.62 -5.45
CA VAL G 27 30.54 -38.82 -4.14
C VAL G 27 30.81 -40.30 -3.96
N LEU G 28 32.09 -40.68 -3.90
CA LEU G 28 32.47 -42.08 -3.86
C LEU G 28 32.73 -42.61 -2.45
N GLY G 29 32.98 -41.73 -1.48
CA GLY G 29 33.22 -42.17 -0.13
C GLY G 29 33.42 -40.99 0.81
N VAL G 30 33.13 -41.20 2.09
CA VAL G 30 33.16 -40.11 3.07
C VAL G 30 33.63 -40.67 4.40
N LYS G 31 34.58 -39.98 5.02
CA LYS G 31 34.95 -40.25 6.40
C LYS G 31 35.62 -39.00 6.95
N GLY G 32 35.24 -38.62 8.17
CA GLY G 32 35.77 -37.39 8.74
C GLY G 32 35.37 -36.19 7.90
N ASN G 33 36.31 -35.27 7.75
CA ASN G 33 36.11 -34.11 6.88
C ASN G 33 36.64 -34.35 5.46
N GLN G 34 36.79 -35.60 5.07
CA GLN G 34 37.40 -35.97 3.80
C GLN G 34 36.40 -36.73 2.94
N VAL G 35 36.30 -36.35 1.68
CA VAL G 35 35.40 -37.00 0.73
C VAL G 35 36.17 -37.34 -0.54
N ARG G 36 35.78 -38.44 -1.16
CA ARG G 36 36.35 -38.85 -2.44
C ARG G 36 35.35 -38.57 -3.55
N ILE G 37 35.85 -38.04 -4.66
CA ILE G 37 35.01 -37.50 -5.73
C ILE G 37 35.39 -38.17 -7.05
N GLY G 38 34.37 -38.51 -7.84
CA GLY G 38 34.60 -39.02 -9.18
C GLY G 38 34.07 -38.08 -10.25
N VAL G 39 34.97 -37.56 -11.08
CA VAL G 39 34.63 -36.59 -12.11
C VAL G 39 34.78 -37.26 -13.47
N ASN G 40 33.68 -37.33 -14.21
CA ASN G 40 33.70 -37.83 -15.59
C ASN G 40 33.98 -36.65 -16.52
N ALA G 41 35.11 -36.74 -17.27
CA ALA G 41 35.68 -35.71 -18.14
C ALA G 41 35.11 -35.80 -19.55
N PRO G 42 34.97 -34.65 -20.23
CA PRO G 42 34.53 -34.60 -21.62
C PRO G 42 35.62 -35.03 -22.60
N SER H 10 36.70 -41.52 -19.19
CA SER H 10 37.78 -41.10 -18.31
C SER H 10 37.24 -40.48 -17.03
N MET H 11 37.15 -41.30 -15.98
CA MET H 11 36.66 -40.85 -14.67
C MET H 11 37.85 -40.53 -13.78
N LEU H 12 38.00 -39.25 -13.45
CA LEU H 12 39.07 -38.81 -12.56
C LEU H 12 38.63 -39.00 -11.11
N ILE H 13 39.43 -39.73 -10.34
CA ILE H 13 39.16 -39.97 -8.93
C ILE H 13 40.13 -39.14 -8.11
N LEU H 14 39.59 -38.36 -7.17
CA LEU H 14 40.42 -37.49 -6.36
C LEU H 14 39.81 -37.37 -4.96
N THR H 15 40.52 -36.66 -4.09
CA THR H 15 40.15 -36.50 -2.69
C THR H 15 40.24 -35.02 -2.32
N ARG H 16 39.23 -34.54 -1.61
CA ARG H 16 39.22 -33.17 -1.11
C ARG H 16 38.71 -33.19 0.32
N ARG H 17 39.10 -32.15 1.06
CA ARG H 17 38.65 -31.97 2.43
C ARG H 17 37.66 -30.82 2.49
N VAL H 18 36.92 -30.74 3.59
CA VAL H 18 35.98 -29.64 3.79
C VAL H 18 36.72 -28.32 3.65
N GLY H 19 36.14 -27.39 2.91
CA GLY H 19 36.77 -26.12 2.61
C GLY H 19 37.61 -26.11 1.36
N GLU H 20 37.96 -27.28 0.82
CA GLU H 20 38.78 -27.37 -0.37
C GLU H 20 37.91 -27.35 -1.63
N THR H 21 38.57 -27.33 -2.78
CA THR H 21 37.93 -26.98 -4.04
C THR H 21 38.55 -27.81 -5.17
N LEU H 22 37.77 -28.09 -6.20
CA LEU H 22 38.26 -28.69 -7.44
C LEU H 22 37.68 -27.93 -8.63
N MET H 23 38.48 -27.80 -9.68
CA MET H 23 38.06 -27.13 -10.91
C MET H 23 37.65 -28.15 -11.94
N ILE H 24 36.57 -27.87 -12.66
CA ILE H 24 36.10 -28.67 -13.78
C ILE H 24 36.06 -27.74 -14.99
N GLY H 25 36.99 -27.92 -15.91
CA GLY H 25 37.09 -26.96 -16.99
C GLY H 25 37.58 -25.62 -16.46
N ASP H 26 37.26 -24.57 -17.21
CA ASP H 26 37.78 -23.25 -16.89
C ASP H 26 36.80 -22.39 -16.10
N GLU H 27 35.51 -22.69 -16.14
CA GLU H 27 34.48 -21.80 -15.60
C GLU H 27 33.69 -22.40 -14.45
N VAL H 28 33.99 -23.63 -14.03
CA VAL H 28 33.22 -24.31 -12.99
C VAL H 28 34.16 -24.69 -11.84
N THR H 29 33.79 -24.29 -10.62
CA THR H 29 34.52 -24.67 -9.42
C THR H 29 33.55 -25.32 -8.44
N VAL H 30 33.97 -26.46 -7.86
CA VAL H 30 33.15 -27.24 -6.94
C VAL H 30 33.79 -27.14 -5.55
N THR H 31 32.98 -26.82 -4.55
CA THR H 31 33.48 -26.62 -3.18
C THR H 31 32.87 -27.65 -2.25
N VAL H 32 33.70 -28.25 -1.41
CA VAL H 32 33.25 -29.15 -0.34
C VAL H 32 32.94 -28.25 0.86
N LEU H 33 31.65 -28.04 1.11
CA LEU H 33 31.25 -27.09 2.14
C LEU H 33 31.12 -27.71 3.53
N GLY H 34 30.77 -28.98 3.62
CA GLY H 34 30.59 -29.60 4.91
C GLY H 34 30.23 -31.06 4.75
N VAL H 35 30.33 -31.78 5.88
CA VAL H 35 30.06 -33.20 5.92
C VAL H 35 29.23 -33.49 7.16
N LYS H 36 28.10 -34.17 6.96
CA LYS H 36 27.23 -34.62 8.05
C LYS H 36 26.88 -36.07 7.79
N GLY H 37 27.48 -36.97 8.57
CA GLY H 37 27.31 -38.39 8.30
C GLY H 37 27.92 -38.75 6.97
N ASN H 38 27.12 -39.37 6.09
CA ASN H 38 27.55 -39.66 4.73
C ASN H 38 26.97 -38.67 3.72
N GLN H 39 26.55 -37.50 4.19
CA GLN H 39 26.04 -36.43 3.33
C GLN H 39 27.11 -35.35 3.18
N VAL H 40 27.29 -34.89 1.94
CA VAL H 40 28.25 -33.84 1.64
C VAL H 40 27.50 -32.63 1.10
N ARG H 41 27.63 -31.49 1.77
CA ARG H 41 27.20 -30.22 1.20
C ARG H 41 28.20 -29.78 0.15
N ILE H 42 27.72 -29.51 -1.06
CA ILE H 42 28.57 -29.22 -2.21
C ILE H 42 28.16 -27.87 -2.79
N GLY H 43 29.15 -27.00 -3.00
CA GLY H 43 28.93 -25.74 -3.66
C GLY H 43 29.37 -25.82 -5.12
N VAL H 44 28.67 -25.08 -5.97
CA VAL H 44 28.97 -25.06 -7.40
C VAL H 44 28.93 -23.62 -7.89
N ASN H 45 30.05 -23.17 -8.47
CA ASN H 45 30.10 -21.93 -9.21
C ASN H 45 30.12 -22.27 -10.69
N ALA H 46 29.12 -21.82 -11.44
CA ALA H 46 29.04 -22.14 -12.86
C ALA H 46 28.29 -21.02 -13.55
N PRO H 47 28.54 -20.79 -14.85
CA PRO H 47 27.78 -19.77 -15.59
C PRO H 47 26.30 -20.11 -15.62
N LYS H 48 25.52 -19.14 -16.11
CA LYS H 48 24.08 -19.33 -16.19
C LYS H 48 23.73 -20.45 -17.17
N GLU H 49 24.32 -20.43 -18.35
CA GLU H 49 23.98 -21.40 -19.39
C GLU H 49 24.39 -22.82 -19.02
N VAL H 50 25.27 -22.99 -18.03
CA VAL H 50 25.65 -24.31 -17.56
C VAL H 50 24.63 -24.75 -16.50
N SER H 51 23.92 -25.82 -16.79
CA SER H 51 22.88 -26.29 -15.90
C SER H 51 23.44 -27.28 -14.89
N VAL H 52 22.85 -27.27 -13.69
CA VAL H 52 23.18 -28.20 -12.62
C VAL H 52 21.96 -29.07 -12.36
N HIS H 53 22.17 -30.37 -12.24
CA HIS H 53 21.07 -31.31 -12.02
C HIS H 53 21.48 -32.36 -11.00
N ARG H 54 20.56 -32.70 -10.11
CA ARG H 54 20.63 -33.99 -9.43
C ARG H 54 20.37 -35.07 -10.47
N GLU H 55 21.31 -36.01 -10.60
CA GLU H 55 21.27 -36.92 -11.75
C GLU H 55 20.02 -37.79 -11.73
N GLU H 56 19.65 -38.30 -10.55
CA GLU H 56 18.46 -39.15 -10.45
C GLU H 56 17.19 -38.38 -10.81
N ILE H 57 17.17 -37.07 -10.55
CA ILE H 57 16.03 -36.25 -10.96
C ILE H 57 16.03 -36.06 -12.47
N TYR H 58 17.20 -35.82 -13.06
CA TYR H 58 17.28 -35.66 -14.51
C TYR H 58 16.88 -36.93 -15.23
N GLN H 59 17.24 -38.09 -14.67
CA GLN H 59 16.91 -39.35 -15.32
C GLN H 59 15.41 -39.63 -15.25
N ARG H 60 14.77 -39.28 -14.14
CA ARG H 60 13.32 -39.41 -14.05
C ARG H 60 12.61 -38.48 -15.02
N ILE H 61 13.17 -37.28 -15.23
CA ILE H 61 12.59 -36.34 -16.19
C ILE H 61 12.61 -36.95 -17.59
N GLN H 62 13.75 -37.50 -18.00
CA GLN H 62 13.91 -38.03 -19.34
C GLN H 62 13.24 -39.39 -19.52
N ALA H 63 13.07 -40.16 -18.44
CA ALA H 63 12.38 -41.44 -18.54
C ALA H 63 10.92 -41.28 -18.94
N GLU H 64 10.33 -40.11 -18.69
CA GLU H 64 8.98 -39.79 -19.17
C GLU H 64 9.04 -39.21 -20.59
N LYS H 65 9.69 -39.96 -21.48
CA LYS H 65 9.97 -39.52 -22.86
C LYS H 65 10.84 -38.27 -22.89
N GLY I 1 18.64 1.42 11.42
CA GLY I 1 19.64 2.02 10.55
C GLY I 1 20.77 2.72 11.28
N PRO I 2 21.82 1.96 11.65
CA PRO I 2 22.99 2.57 12.29
C PRO I 2 23.65 3.63 11.41
N LEU I 3 23.63 3.45 10.10
CA LEU I 3 24.14 4.45 9.17
C LEU I 3 23.21 5.66 9.16
N GLY I 4 23.75 6.79 8.70
CA GLY I 4 22.93 7.99 8.57
C GLY I 4 21.99 7.91 7.40
N SER I 5 21.77 9.04 6.73
CA SER I 5 20.93 9.07 5.54
C SER I 5 21.66 9.82 4.43
N MET I 6 21.39 9.39 3.20
CA MET I 6 22.00 9.99 2.01
C MET I 6 21.26 11.28 1.67
N LEU I 7 21.86 12.42 2.00
CA LEU I 7 21.27 13.72 1.69
C LEU I 7 21.75 14.17 0.31
N ILE I 8 20.81 14.43 -0.59
CA ILE I 8 21.10 14.99 -1.90
C ILE I 8 20.75 16.47 -1.87
N LEU I 9 21.73 17.33 -2.10
CA LEU I 9 21.56 18.77 -2.02
C LEU I 9 22.05 19.41 -3.30
N THR I 10 21.17 20.14 -3.97
CA THR I 10 21.53 20.83 -5.21
C THR I 10 22.22 22.15 -4.90
N ARG I 11 23.25 22.46 -5.68
CA ARG I 11 24.02 23.68 -5.49
C ARG I 11 24.33 24.30 -6.84
N ARG I 12 24.08 25.61 -6.96
CA ARG I 12 24.54 26.33 -8.12
C ARG I 12 26.00 26.74 -7.92
N VAL I 13 26.62 27.25 -8.99
CA VAL I 13 28.02 27.66 -8.92
C VAL I 13 28.14 28.82 -7.95
N GLY I 14 28.85 28.59 -6.84
CA GLY I 14 29.05 29.57 -5.81
C GLY I 14 28.37 29.24 -4.49
N GLU I 15 27.44 28.29 -4.48
CA GLU I 15 26.75 27.94 -3.25
C GLU I 15 27.57 26.93 -2.45
N THR I 16 27.26 26.86 -1.15
CA THR I 16 28.09 26.14 -0.19
C THR I 16 27.23 25.25 0.69
N LEU I 17 27.78 24.08 1.05
CA LEU I 17 27.18 23.19 2.02
C LEU I 17 28.04 23.14 3.28
N MET I 18 27.39 23.04 4.43
CA MET I 18 28.07 22.79 5.69
C MET I 18 27.88 21.33 6.08
N ILE I 19 28.94 20.71 6.56
CA ILE I 19 28.87 19.34 7.09
C ILE I 19 29.50 19.37 8.48
N GLY I 20 28.69 19.16 9.51
CA GLY I 20 29.22 19.31 10.84
C GLY I 20 29.55 20.77 11.15
N ASP I 21 30.42 20.95 12.14
CA ASP I 21 30.68 22.29 12.65
C ASP I 21 31.71 23.06 11.82
N GLU I 22 32.70 22.38 11.24
CA GLU I 22 33.86 23.07 10.66
C GLU I 22 34.26 22.51 9.30
N VAL I 23 33.35 21.85 8.58
CA VAL I 23 33.64 21.36 7.25
C VAL I 23 32.70 22.06 6.27
N THR I 24 33.23 22.41 5.09
CA THR I 24 32.50 23.22 4.13
C THR I 24 32.87 22.78 2.71
N VAL I 25 31.86 22.70 1.85
CA VAL I 25 32.03 22.27 0.47
C VAL I 25 31.35 23.30 -0.45
N THR I 26 32.10 23.80 -1.44
CA THR I 26 31.61 24.84 -2.33
C THR I 26 31.79 24.42 -3.79
N VAL I 27 30.76 24.68 -4.60
CA VAL I 27 30.86 24.48 -6.04
C VAL I 27 31.51 25.73 -6.65
N LEU I 28 32.60 25.52 -7.38
CA LEU I 28 33.37 26.63 -7.94
C LEU I 28 33.16 26.83 -9.44
N GLY I 29 32.89 25.76 -10.18
CA GLY I 29 32.65 25.88 -11.60
C GLY I 29 32.12 24.59 -12.17
N VAL I 30 31.51 24.70 -13.35
CA VAL I 30 30.95 23.56 -14.07
C VAL I 30 31.34 23.66 -15.53
N LYS I 31 31.94 22.61 -16.07
CA LYS I 31 32.29 22.51 -17.48
C LYS I 31 31.94 21.10 -17.93
N GLY I 32 30.79 20.95 -18.59
CA GLY I 32 30.36 19.63 -19.01
C GLY I 32 30.08 18.76 -17.79
N ASN I 33 30.69 17.57 -17.77
CA ASN I 33 30.55 16.69 -16.61
C ASN I 33 31.52 17.01 -15.50
N GLN I 34 32.57 17.79 -15.79
CA GLN I 34 33.55 18.14 -14.77
C GLN I 34 32.98 19.21 -13.84
N VAL I 35 33.14 19.00 -12.54
CA VAL I 35 32.69 19.93 -11.52
C VAL I 35 33.90 20.33 -10.69
N ARG I 36 34.17 21.62 -10.64
CA ARG I 36 35.24 22.14 -9.79
C ARG I 36 34.69 22.38 -8.39
N ILE I 37 35.27 21.72 -7.40
CA ILE I 37 34.77 21.72 -6.04
C ILE I 37 35.89 22.15 -5.10
N GLY I 38 35.57 23.07 -4.19
CA GLY I 38 36.50 23.54 -3.18
C GLY I 38 36.07 23.09 -1.79
N VAL I 39 36.99 22.43 -1.09
CA VAL I 39 36.72 21.89 0.24
C VAL I 39 37.42 22.77 1.28
N ASN I 40 36.89 22.77 2.49
CA ASN I 40 37.42 23.58 3.59
C ASN I 40 37.25 22.79 4.87
N ALA I 41 38.36 22.39 5.48
CA ALA I 41 38.31 21.55 6.68
C ALA I 41 39.64 21.67 7.41
N PRO I 42 39.64 21.47 8.73
CA PRO I 42 40.91 21.50 9.48
C PRO I 42 41.56 20.13 9.58
N LYS I 43 42.65 20.04 10.32
CA LYS I 43 43.31 18.76 10.59
C LYS I 43 44.12 18.83 11.87
N MET J 11 39.59 25.97 0.85
CA MET J 11 40.57 26.37 -0.16
C MET J 11 41.31 25.16 -0.71
N LEU J 12 40.92 23.98 -0.24
CA LEU J 12 41.54 22.72 -0.69
C LEU J 12 40.75 22.22 -1.90
N ILE J 13 41.01 22.85 -3.03
CA ILE J 13 40.18 22.67 -4.23
C ILE J 13 40.57 21.39 -4.95
N LEU J 14 39.56 20.64 -5.41
CA LEU J 14 39.74 19.44 -6.22
C LEU J 14 38.77 19.49 -7.40
N THR J 15 38.74 18.41 -8.18
CA THR J 15 37.86 18.30 -9.33
C THR J 15 37.27 16.90 -9.40
N ARG J 16 35.96 16.82 -9.57
CA ARG J 16 35.25 15.55 -9.66
C ARG J 16 34.27 15.60 -10.81
N ARG J 17 33.94 14.43 -11.35
CA ARG J 17 33.01 14.30 -12.46
C ARG J 17 31.73 13.61 -12.01
N VAL J 18 30.74 13.64 -12.90
CA VAL J 18 29.46 13.01 -12.61
C VAL J 18 29.68 11.51 -12.39
N GLY J 19 29.41 11.05 -11.17
CA GLY J 19 29.63 9.67 -10.79
C GLY J 19 30.81 9.48 -9.85
N GLU J 20 31.60 10.52 -9.62
CA GLU J 20 32.78 10.44 -8.79
C GLU J 20 32.52 10.99 -7.40
N THR J 21 33.34 10.55 -6.44
CA THR J 21 33.13 10.87 -5.04
C THR J 21 34.47 11.16 -4.37
N LEU J 22 34.45 12.04 -3.38
CA LEU J 22 35.63 12.36 -2.59
C LEU J 22 35.32 12.15 -1.12
N MET J 23 36.39 12.08 -0.32
CA MET J 23 36.32 11.68 1.09
C MET J 23 36.74 12.84 1.98
N ILE J 24 36.06 12.97 3.12
CA ILE J 24 36.40 13.95 4.14
C ILE J 24 36.37 13.23 5.48
N GLY J 25 37.52 13.22 6.18
CA GLY J 25 37.55 12.53 7.45
C GLY J 25 37.35 11.02 7.29
N ASP J 26 36.92 10.38 8.38
CA ASP J 26 36.83 8.92 8.39
C ASP J 26 35.49 8.40 7.87
N GLU J 27 34.46 9.25 7.80
CA GLU J 27 33.10 8.80 7.56
C GLU J 27 32.30 9.61 6.55
N VAL J 28 32.78 10.79 6.13
CA VAL J 28 32.02 11.68 5.25
C VAL J 28 32.45 11.47 3.82
N THR J 29 31.48 11.41 2.91
CA THR J 29 31.75 11.39 1.48
C THR J 29 30.85 12.39 0.77
N VAL J 30 31.37 12.94 -0.32
CA VAL J 30 30.66 13.90 -1.16
C VAL J 30 30.71 13.39 -2.59
N THR J 31 29.56 13.24 -3.22
CA THR J 31 29.48 12.64 -4.54
C THR J 31 28.74 13.58 -5.49
N VAL J 32 29.23 13.68 -6.71
CA VAL J 32 28.58 14.45 -7.77
C VAL J 32 27.63 13.50 -8.50
N LEU J 33 26.32 13.74 -8.37
CA LEU J 33 25.33 12.83 -8.92
C LEU J 33 24.78 13.25 -10.27
N GLY J 34 25.02 14.48 -10.70
CA GLY J 34 24.55 14.95 -11.99
C GLY J 34 24.74 16.45 -12.13
N VAL J 35 24.71 16.94 -13.37
CA VAL J 35 24.83 18.37 -13.64
C VAL J 35 23.89 18.74 -14.77
N LYS J 36 23.26 19.90 -14.63
CA LYS J 36 22.43 20.48 -15.69
C LYS J 36 22.71 21.97 -15.69
N GLY J 37 23.17 22.50 -16.83
CA GLY J 37 23.59 23.88 -16.89
C GLY J 37 24.77 24.13 -15.97
N ASN J 38 24.53 24.83 -14.86
CA ASN J 38 25.58 25.12 -13.89
C ASN J 38 25.09 24.88 -12.46
N GLN J 39 24.23 23.89 -12.27
CA GLN J 39 23.81 23.44 -10.95
C GLN J 39 24.13 21.95 -10.81
N VAL J 40 24.56 21.57 -9.60
CA VAL J 40 25.11 20.25 -9.35
C VAL J 40 24.29 19.55 -8.28
N ARG J 41 23.88 18.32 -8.57
CA ARG J 41 23.31 17.43 -7.56
C ARG J 41 24.45 16.84 -6.74
N ILE J 42 24.53 17.21 -5.46
CA ILE J 42 25.59 16.77 -4.57
C ILE J 42 24.97 15.85 -3.54
N GLY J 43 25.36 14.57 -3.57
CA GLY J 43 24.96 13.63 -2.54
C GLY J 43 25.99 13.62 -1.42
N VAL J 44 25.49 13.60 -0.18
CA VAL J 44 26.33 13.74 1.00
C VAL J 44 26.08 12.57 1.94
N ASN J 45 27.14 11.86 2.30
CA ASN J 45 27.11 10.85 3.35
C ASN J 45 27.87 11.41 4.54
N ALA J 46 27.17 11.59 5.65
CA ALA J 46 27.77 11.93 6.92
C ALA J 46 27.09 11.08 7.97
N PRO J 47 27.75 10.86 9.12
CA PRO J 47 27.10 10.08 10.19
C PRO J 47 25.80 10.74 10.65
N LYS J 48 25.02 9.97 11.42
CA LYS J 48 23.93 10.60 12.16
C LYS J 48 24.53 11.61 13.14
N GLU J 49 23.65 12.37 13.81
CA GLU J 49 24.05 13.41 14.76
C GLU J 49 25.11 14.35 14.20
N VAL J 50 25.25 14.40 12.88
CA VAL J 50 26.13 15.34 12.19
C VAL J 50 25.24 16.21 11.31
N SER J 51 25.05 17.46 11.71
CA SER J 51 24.13 18.34 11.00
C SER J 51 24.69 18.77 9.66
N VAL J 52 23.81 18.83 8.66
CA VAL J 52 24.15 19.28 7.32
C VAL J 52 23.26 20.46 6.97
N HIS J 53 23.85 21.55 6.48
CA HIS J 53 23.12 22.77 6.22
C HIS J 53 23.46 23.33 4.85
N ARG J 54 22.51 24.06 4.27
CA ARG J 54 22.83 25.02 3.22
C ARG J 54 23.36 26.28 3.91
N GLU J 55 24.57 26.70 3.53
CA GLU J 55 25.23 27.77 4.28
C GLU J 55 24.42 29.05 4.27
N GLU J 56 23.74 29.35 3.16
CA GLU J 56 22.91 30.56 3.12
C GLU J 56 21.76 30.48 4.10
N ILE J 57 21.19 29.29 4.30
CA ILE J 57 20.06 29.15 5.21
C ILE J 57 20.53 29.22 6.66
N TYR J 58 21.66 28.56 6.96
CA TYR J 58 22.20 28.59 8.31
C TYR J 58 22.59 30.01 8.72
N GLN J 59 22.95 30.84 7.75
CA GLN J 59 23.28 32.23 8.06
C GLN J 59 22.02 33.06 8.29
N ARG J 60 20.97 32.81 7.50
CA ARG J 60 19.69 33.44 7.77
C ARG J 60 19.17 33.05 9.15
N ILE J 61 19.40 31.80 9.55
CA ILE J 61 18.99 31.35 10.88
C ILE J 61 19.78 32.09 11.95
N GLN J 62 21.07 32.29 11.72
CA GLN J 62 21.89 33.02 12.69
C GLN J 62 21.57 34.51 12.71
N ALA J 63 21.02 35.04 11.61
CA ALA J 63 20.67 36.46 11.57
C ALA J 63 19.58 36.79 12.60
N GLU J 64 18.65 35.87 12.82
CA GLU J 64 17.67 36.04 13.89
C GLU J 64 18.36 35.89 15.23
N LYS J 65 18.34 36.96 16.03
CA LYS J 65 18.95 36.98 17.36
C LYS J 65 20.43 36.61 17.30
N PRO K 2 -20.84 34.43 18.00
CA PRO K 2 -21.03 33.27 18.87
C PRO K 2 -22.31 32.50 18.54
N LEU K 3 -22.18 31.42 17.76
CA LEU K 3 -23.33 30.66 17.28
C LEU K 3 -23.25 29.17 17.63
N GLY K 4 -22.33 28.77 18.50
CA GLY K 4 -22.27 27.39 18.94
C GLY K 4 -22.04 26.42 17.79
N SER K 5 -22.79 25.32 17.80
CA SER K 5 -22.66 24.25 16.81
C SER K 5 -23.33 24.58 15.49
N MET K 6 -23.90 25.78 15.34
CA MET K 6 -24.61 26.10 14.11
C MET K 6 -23.69 25.99 12.91
N LEU K 7 -24.17 25.31 11.87
CA LEU K 7 -23.43 25.18 10.62
C LEU K 7 -23.85 26.32 9.71
N ILE K 8 -22.88 27.16 9.32
CA ILE K 8 -23.14 28.38 8.57
C ILE K 8 -22.67 28.19 7.13
N LEU K 9 -23.53 28.57 6.19
CA LEU K 9 -23.20 28.53 4.78
C LEU K 9 -23.94 29.64 4.07
N THR K 10 -23.33 30.14 2.99
CA THR K 10 -23.86 31.26 2.22
C THR K 10 -24.57 30.73 0.97
N ARG K 11 -25.72 31.33 0.67
CA ARG K 11 -26.49 30.97 -0.51
C ARG K 11 -26.94 32.25 -1.20
N ARG K 12 -26.47 32.46 -2.43
CA ARG K 12 -27.01 33.55 -3.24
C ARG K 12 -28.44 33.25 -3.64
N VAL K 13 -29.08 34.21 -4.30
CA VAL K 13 -30.44 34.00 -4.76
C VAL K 13 -30.46 32.87 -5.78
N GLY K 14 -31.18 31.80 -5.47
CA GLY K 14 -31.27 30.66 -6.36
C GLY K 14 -30.28 29.54 -6.08
N GLU K 15 -29.66 29.51 -4.91
CA GLU K 15 -28.76 28.44 -4.51
C GLU K 15 -29.43 27.53 -3.49
N THR K 16 -29.25 26.23 -3.66
CA THR K 16 -29.96 25.22 -2.89
C THR K 16 -29.09 24.65 -1.77
N LEU K 17 -29.76 24.21 -0.70
CA LEU K 17 -29.13 23.62 0.47
C LEU K 17 -29.75 22.24 0.70
N MET K 18 -28.92 21.24 0.93
CA MET K 18 -29.39 19.89 1.19
C MET K 18 -29.34 19.58 2.68
N ILE K 19 -30.37 18.90 3.19
CA ILE K 19 -30.42 18.47 4.58
C ILE K 19 -30.81 16.99 4.60
N GLY K 20 -29.94 16.16 5.16
CA GLY K 20 -30.21 14.73 5.16
C GLY K 20 -30.19 14.19 3.75
N ASP K 21 -31.26 13.47 3.39
CA ASP K 21 -31.35 12.89 2.05
C ASP K 21 -32.50 13.44 1.21
N GLU K 22 -33.50 14.08 1.82
CA GLU K 22 -34.70 14.45 1.08
C GLU K 22 -35.24 15.83 1.44
N VAL K 23 -34.43 16.72 1.99
CA VAL K 23 -34.86 18.07 2.35
C VAL K 23 -33.96 19.07 1.65
N THR K 24 -34.57 20.06 1.01
CA THR K 24 -33.84 21.11 0.30
C THR K 24 -34.37 22.48 0.70
N VAL K 25 -33.49 23.48 0.65
CA VAL K 25 -33.79 24.86 1.02
C VAL K 25 -33.13 25.77 -0.02
N THR K 26 -33.93 26.52 -0.77
CA THR K 26 -33.44 27.36 -1.85
C THR K 26 -33.84 28.81 -1.59
N VAL K 27 -32.87 29.73 -1.74
CA VAL K 27 -33.13 31.17 -1.61
C VAL K 27 -33.78 31.63 -2.92
N LEU K 28 -35.09 31.89 -2.89
CA LEU K 28 -35.85 32.17 -4.11
C LEU K 28 -35.93 33.66 -4.43
N GLY K 29 -35.78 34.55 -3.45
CA GLY K 29 -35.83 35.96 -3.72
C GLY K 29 -34.96 36.74 -2.77
N VAL K 30 -34.79 38.02 -3.08
CA VAL K 30 -34.03 38.95 -2.25
C VAL K 30 -34.83 40.23 -2.07
N LYS K 31 -35.07 40.60 -0.83
CA LYS K 31 -35.61 41.90 -0.45
C LYS K 31 -34.55 42.63 0.38
N GLY K 32 -34.91 43.80 0.88
CA GLY K 32 -33.99 44.60 1.67
C GLY K 32 -33.36 43.83 2.82
N ASN K 33 -34.20 43.35 3.73
CA ASN K 33 -33.78 42.45 4.79
C ASN K 33 -34.69 41.23 4.90
N GLN K 34 -35.58 41.04 3.94
CA GLN K 34 -36.52 39.93 3.93
C GLN K 34 -36.05 38.89 2.91
N VAL K 35 -36.12 37.62 3.29
CA VAL K 35 -35.61 36.53 2.47
C VAL K 35 -36.76 35.63 2.06
N ARG K 36 -36.86 35.39 0.75
CA ARG K 36 -37.84 34.47 0.18
C ARG K 36 -37.23 33.07 0.13
N ILE K 37 -37.78 32.15 0.91
CA ILE K 37 -37.20 30.82 1.11
C ILE K 37 -38.16 29.77 0.56
N GLY K 38 -37.66 28.89 -0.29
CA GLY K 38 -38.43 27.75 -0.72
C GLY K 38 -37.99 26.47 -0.04
N VAL K 39 -38.86 25.83 0.74
CA VAL K 39 -38.54 24.62 1.48
C VAL K 39 -39.26 23.45 0.82
N ASN K 40 -38.51 22.38 0.55
CA ASN K 40 -39.06 21.16 -0.04
C ASN K 40 -38.75 20.00 0.89
N ALA K 41 -39.79 19.30 1.33
CA ALA K 41 -39.67 18.22 2.29
C ALA K 41 -40.85 17.28 2.11
N PRO K 42 -40.70 15.99 2.44
CA PRO K 42 -41.80 15.03 2.32
C PRO K 42 -42.91 15.30 3.34
N LEU L 12 -43.95 24.92 2.23
CA LEU L 12 -43.30 25.32 0.99
C LEU L 12 -42.68 26.70 1.14
N ILE L 13 -43.04 27.62 0.24
CA ILE L 13 -42.36 28.91 0.20
C ILE L 13 -42.72 29.74 1.43
N LEU L 14 -41.74 30.50 1.92
CA LEU L 14 -41.90 31.35 3.09
C LEU L 14 -41.10 32.64 2.89
N THR L 15 -41.44 33.65 3.69
CA THR L 15 -40.70 34.92 3.74
C THR L 15 -40.21 35.09 5.17
N ARG L 16 -39.05 34.51 5.47
CA ARG L 16 -38.42 34.63 6.79
C ARG L 16 -37.36 35.73 6.72
N ARG L 17 -37.50 36.73 7.58
CA ARG L 17 -36.58 37.86 7.56
C ARG L 17 -35.28 37.51 8.29
N VAL L 18 -34.36 38.48 8.33
CA VAL L 18 -33.08 38.26 8.99
C VAL L 18 -33.32 38.04 10.48
N GLY L 19 -32.67 37.03 11.03
CA GLY L 19 -32.86 36.67 12.43
C GLY L 19 -34.07 35.80 12.68
N GLU L 20 -34.77 35.36 11.64
CA GLU L 20 -35.96 34.54 11.80
C GLU L 20 -35.66 33.10 11.44
N THR L 21 -36.50 32.20 11.94
CA THR L 21 -36.21 30.79 11.99
C THR L 21 -37.36 29.98 11.42
N LEU L 22 -37.02 28.92 10.70
CA LEU L 22 -37.96 27.89 10.28
C LEU L 22 -37.44 26.54 10.72
N MET L 23 -38.33 25.67 11.19
CA MET L 23 -37.95 24.37 11.70
C MET L 23 -38.43 23.27 10.77
N ILE L 24 -37.72 22.14 10.79
CA ILE L 24 -38.00 21.01 9.93
C ILE L 24 -37.93 19.75 10.79
N GLY L 25 -39.09 19.12 10.99
CA GLY L 25 -39.11 17.95 11.83
C GLY L 25 -38.84 18.30 13.28
N ASP L 26 -38.40 17.30 14.04
CA ASP L 26 -38.12 17.50 15.46
C ASP L 26 -36.80 18.23 15.69
N GLU L 27 -35.81 18.04 14.83
CA GLU L 27 -34.43 18.33 15.19
C GLU L 27 -33.76 19.41 14.35
N VAL L 28 -34.14 19.59 13.09
CA VAL L 28 -33.47 20.54 12.20
C VAL L 28 -34.05 21.92 12.40
N THR L 29 -33.18 22.93 12.50
CA THR L 29 -33.57 24.32 12.61
C THR L 29 -32.74 25.14 11.63
N VAL L 30 -33.40 25.95 10.81
CA VAL L 30 -32.74 26.76 9.80
C VAL L 30 -32.94 28.23 10.16
N THR L 31 -31.86 29.02 10.07
CA THR L 31 -31.86 30.41 10.50
C THR L 31 -31.33 31.31 9.38
N VAL L 32 -32.02 32.42 9.15
CA VAL L 32 -31.54 33.45 8.22
C VAL L 32 -30.66 34.40 9.04
N LEU L 33 -29.35 34.31 8.86
CA LEU L 33 -28.45 35.02 9.74
C LEU L 33 -28.18 36.44 9.25
N GLY L 34 -28.18 36.64 7.94
CA GLY L 34 -27.89 37.97 7.42
C GLY L 34 -28.08 38.00 5.91
N VAL L 35 -28.02 39.21 5.37
CA VAL L 35 -28.10 39.46 3.94
C VAL L 35 -27.13 40.58 3.60
N LYS L 36 -26.37 40.40 2.51
CA LYS L 36 -25.46 41.42 2.00
C LYS L 36 -25.61 41.43 0.48
N GLY L 37 -26.56 42.21 -0.02
CA GLY L 37 -26.89 42.20 -1.42
C GLY L 37 -27.87 41.08 -1.73
N ASN L 38 -27.48 40.16 -2.60
CA ASN L 38 -28.28 38.97 -2.91
C ASN L 38 -27.72 37.72 -2.26
N GLN L 39 -26.80 37.86 -1.32
CA GLN L 39 -26.26 36.74 -0.57
C GLN L 39 -26.92 36.66 0.80
N VAL L 40 -27.05 35.44 1.31
CA VAL L 40 -27.74 35.19 2.58
C VAL L 40 -26.92 34.20 3.40
N ARG L 41 -26.47 34.63 4.58
CA ARG L 41 -25.92 33.70 5.56
C ARG L 41 -27.04 32.82 6.09
N ILE L 42 -26.88 31.51 5.96
CA ILE L 42 -27.86 30.54 6.44
C ILE L 42 -27.19 29.69 7.51
N GLY L 43 -27.84 29.58 8.66
CA GLY L 43 -27.38 28.73 9.76
C GLY L 43 -28.26 27.51 9.87
N VAL L 44 -27.63 26.37 10.16
CA VAL L 44 -28.32 25.08 10.23
C VAL L 44 -27.95 24.38 11.52
N ASN L 45 -28.95 24.12 12.36
CA ASN L 45 -28.79 23.27 13.53
C ASN L 45 -29.31 21.89 13.16
N ALA L 46 -28.41 20.91 13.10
CA ALA L 46 -28.79 19.56 12.72
C ALA L 46 -27.99 18.56 13.54
N PRO L 47 -28.53 17.36 13.78
CA PRO L 47 -27.78 16.36 14.54
C PRO L 47 -26.55 15.88 13.80
N LYS L 48 -25.70 15.15 14.53
CA LYS L 48 -24.45 14.68 13.97
C LYS L 48 -24.68 13.84 12.71
N GLU L 49 -25.64 12.93 12.76
CA GLU L 49 -25.87 11.96 11.70
C GLU L 49 -26.75 12.50 10.57
N VAL L 50 -26.97 13.81 10.53
CA VAL L 50 -27.78 14.43 9.49
C VAL L 50 -26.84 15.28 8.64
N SER L 51 -26.46 14.76 7.47
CA SER L 51 -25.48 15.42 6.62
C SER L 51 -26.07 16.66 5.97
N VAL L 52 -25.23 17.67 5.79
CA VAL L 52 -25.57 18.92 5.12
C VAL L 52 -24.68 19.05 3.89
N HIS L 53 -25.26 19.50 2.78
CA HIS L 53 -24.52 19.61 1.54
C HIS L 53 -24.94 20.85 0.76
N ARG L 54 -24.00 21.43 0.05
CA ARG L 54 -24.31 22.36 -1.02
C ARG L 54 -24.76 21.52 -2.21
N GLU L 55 -25.97 21.79 -2.72
CA GLU L 55 -26.54 20.92 -3.75
C GLU L 55 -25.65 20.89 -5.00
N GLU L 56 -25.14 22.06 -5.42
CA GLU L 56 -24.34 22.09 -6.63
C GLU L 56 -23.03 21.32 -6.46
N ILE L 57 -22.53 21.22 -5.23
CA ILE L 57 -21.34 20.40 -4.98
C ILE L 57 -21.71 18.93 -5.01
N TYR L 58 -22.83 18.56 -4.37
CA TYR L 58 -23.26 17.16 -4.36
C TYR L 58 -23.63 16.68 -5.76
N GLN L 59 -24.26 17.55 -6.56
CA GLN L 59 -24.56 17.20 -7.93
C GLN L 59 -23.29 17.05 -8.75
N ARG L 60 -22.32 17.94 -8.56
CA ARG L 60 -21.06 17.85 -9.29
C ARG L 60 -20.33 16.55 -8.99
N ILE L 61 -20.38 16.10 -7.73
CA ILE L 61 -19.75 14.84 -7.36
C ILE L 61 -20.49 13.68 -8.00
N GLN L 62 -21.82 13.74 -8.04
CA GLN L 62 -22.61 12.68 -8.66
C GLN L 62 -22.37 12.61 -10.16
N ALA L 63 -22.36 13.77 -10.84
CA ALA L 63 -22.17 13.80 -12.29
C ALA L 63 -20.85 13.15 -12.69
N GLU L 64 -19.84 13.22 -11.83
CA GLU L 64 -18.56 12.56 -12.08
C GLU L 64 -18.58 11.08 -11.72
N LYS L 65 -19.74 10.54 -11.36
CA LYS L 65 -19.93 9.11 -11.12
C LYS L 65 -18.96 8.56 -10.08
#